data_6POL
#
_entry.id   6POL
#
_cell.length_a   87.000
_cell.length_b   87.000
_cell.length_c   211.300
_cell.angle_alpha   90.000
_cell.angle_beta   90.000
_cell.angle_gamma   120.000
#
_symmetry.space_group_name_H-M   'P 31 2 1'
#
loop_
_entity.id
_entity.type
_entity.pdbx_description
1 polymer 'Roundabout homolog 3'
2 polymer 'Protein kinase C-binding protein NELL1'
3 non-polymer 'NITRATE ION'
4 non-polymer 2-acetamido-2-deoxy-beta-D-glucopyranose
5 non-polymer 'CALCIUM ION'
6 non-polymer GLYCEROL
7 water water
#
loop_
_entity_poly.entity_id
_entity_poly.type
_entity_poly.pdbx_seq_one_letter_code
_entity_poly.pdbx_strand_id
1 'polypeptide(L)'
;ADPTEPSSPPGAPSQPVVTEITKNSITLTWKPNPQTGAAVTSYVIEAFSPAAGNTWRTVADGVQLETHTVSGLQPNTIYL
FLVRAVGAWGLSEPSPVSEPVRTQDSEFHHHHHH
;
A,C,E
2 'polypeptide(L)'
;ADPRGHNFCAEGPKCGENSECKNWNTKATCECKSGYISVQGDSAYCEDIDECAAKMHYCHANTVCVNLPGLYRCDCVPGY
IRVDDFSCTEHDECGSGQHNCDENAICTNTVQGHSCTCKPGYVGNGTICRAEFHHHHHH
;
B,D,F
#
# COMPACT_ATOMS: atom_id res chain seq x y z
N PRO A 6 -11.02 -14.62 40.66
CA PRO A 6 -10.23 -13.52 40.11
C PRO A 6 -10.55 -13.23 38.65
N SER A 7 -11.23 -12.13 38.37
CA SER A 7 -11.56 -11.73 37.01
C SER A 7 -11.15 -10.26 36.80
N SER A 8 -9.87 -10.00 36.98
CA SER A 8 -9.31 -8.67 36.87
C SER A 8 -8.21 -8.62 35.82
N PRO A 9 -7.96 -7.46 35.24
CA PRO A 9 -6.83 -7.30 34.31
C PRO A 9 -5.51 -7.32 35.07
N PRO A 10 -4.38 -7.45 34.36
CA PRO A 10 -3.07 -7.34 35.02
C PRO A 10 -2.87 -5.97 35.63
N GLY A 11 -1.85 -5.88 36.49
CA GLY A 11 -1.44 -4.60 37.01
C GLY A 11 -0.73 -3.76 35.96
N ALA A 12 -0.68 -2.45 36.22
CA ALA A 12 -0.06 -1.53 35.28
C ALA A 12 1.46 -1.75 35.24
N PRO A 13 2.06 -1.72 34.06
CA PRO A 13 3.53 -1.83 33.97
C PRO A 13 4.22 -0.59 34.54
N SER A 14 5.54 -0.70 34.65
CA SER A 14 6.36 0.41 35.13
C SER A 14 6.50 1.47 34.04
N GLN A 15 7.01 2.63 34.43
CA GLN A 15 7.24 3.72 33.49
C GLN A 15 8.17 3.24 32.38
N PRO A 16 7.80 3.39 31.11
CA PRO A 16 8.71 3.02 30.02
C PRO A 16 9.92 3.97 29.97
N VAL A 17 11.07 3.40 29.62
CA VAL A 17 12.34 4.11 29.54
C VAL A 17 12.81 4.10 28.09
N VAL A 18 13.18 5.27 27.57
CA VAL A 18 13.71 5.34 26.21
C VAL A 18 15.16 4.89 26.25
N THR A 19 15.50 3.90 25.41
CA THR A 19 16.83 3.32 25.40
C THR A 19 17.62 3.66 24.15
N GLU A 20 16.96 4.07 23.07
CA GLU A 20 17.65 4.43 21.84
C GLU A 20 16.74 5.34 21.03
N ILE A 21 17.36 6.29 20.30
CA ILE A 21 16.61 7.26 19.49
C ILE A 21 17.22 7.35 18.10
N THR A 22 16.36 7.38 17.08
CA THR A 22 16.80 7.72 15.72
C THR A 22 15.93 8.89 15.24
N LYS A 23 16.00 9.21 13.95
CA LYS A 23 15.15 10.31 13.54
C LYS A 23 13.72 9.88 13.25
N ASN A 24 13.44 8.57 13.18
CA ASN A 24 12.10 8.08 12.90
C ASN A 24 11.65 6.98 13.85
N SER A 25 12.38 6.74 14.94
CA SER A 25 12.01 5.62 15.80
C SER A 25 12.52 5.88 17.20
N ILE A 26 11.86 5.25 18.17
CA ILE A 26 12.27 5.30 19.57
C ILE A 26 12.16 3.88 20.12
N THR A 27 13.16 3.44 20.86
CA THR A 27 13.12 2.13 21.49
C THR A 27 12.81 2.29 22.97
N LEU A 28 11.86 1.49 23.47
CA LEU A 28 11.33 1.56 24.83
C LEU A 28 11.53 0.24 25.57
N THR A 29 11.68 0.35 26.90
CA THR A 29 11.70 -0.82 27.76
C THR A 29 10.91 -0.52 29.03
N TRP A 30 10.34 -1.57 29.61
CA TRP A 30 9.50 -1.45 30.80
C TRP A 30 9.50 -2.82 31.49
N LYS A 31 8.79 -2.90 32.61
CA LYS A 31 8.67 -4.13 33.38
C LYS A 31 7.20 -4.39 33.74
N PRO A 32 6.82 -5.65 33.90
CA PRO A 32 5.47 -5.95 34.40
C PRO A 32 5.32 -5.52 35.85
N ASN A 33 4.07 -5.31 36.24
CA ASN A 33 3.78 -4.94 37.62
C ASN A 33 4.32 -6.03 38.56
N PRO A 34 5.10 -5.69 39.58
CA PRO A 34 5.66 -6.72 40.46
C PRO A 34 4.65 -7.33 41.40
N GLN A 35 3.51 -6.70 41.61
CA GLN A 35 2.52 -7.22 42.56
C GLN A 35 1.82 -8.43 41.96
N THR A 36 1.67 -9.47 42.77
CA THR A 36 1.03 -10.70 42.32
C THR A 36 -0.37 -10.39 41.80
N GLY A 37 -0.68 -10.89 40.60
CA GLY A 37 -1.92 -10.55 39.97
C GLY A 37 -2.15 -11.36 38.71
N ALA A 38 -3.02 -10.83 37.85
CA ALA A 38 -3.37 -11.53 36.62
C ALA A 38 -2.15 -11.65 35.71
N ALA A 39 -2.09 -12.75 34.96
CA ALA A 39 -0.96 -13.01 34.08
C ALA A 39 -1.01 -12.12 32.85
N VAL A 40 0.16 -11.70 32.41
CA VAL A 40 0.28 -10.81 31.25
C VAL A 40 0.48 -11.66 30.00
N THR A 41 -0.37 -11.44 29.01
CA THR A 41 -0.22 -12.15 27.75
C THR A 41 0.39 -11.30 26.63
N SER A 42 0.32 -9.98 26.71
CA SER A 42 1.00 -9.10 25.76
C SER A 42 0.95 -7.67 26.29
N TYR A 43 1.53 -6.73 25.54
CA TYR A 43 1.51 -5.31 25.91
C TYR A 43 0.96 -4.44 24.77
N VAL A 44 0.39 -3.30 25.16
CA VAL A 44 -0.06 -2.29 24.23
C VAL A 44 0.75 -1.03 24.49
N ILE A 45 1.22 -0.38 23.42
CA ILE A 45 2.00 0.85 23.53
C ILE A 45 1.21 1.99 22.91
N GLU A 46 1.15 3.13 23.63
CA GLU A 46 0.45 4.34 23.19
C GLU A 46 1.44 5.50 23.19
N ALA A 47 1.29 6.39 22.20
CA ALA A 47 2.18 7.55 22.01
C ALA A 47 1.39 8.86 22.02
N PHE A 48 1.99 9.90 22.59
CA PHE A 48 1.39 11.23 22.54
C PHE A 48 2.44 12.19 22.03
N SER A 49 2.01 13.14 21.20
CA SER A 49 2.86 14.25 20.78
C SER A 49 2.02 15.52 20.79
N PRO A 50 2.52 16.62 21.38
CA PRO A 50 1.76 17.88 21.34
C PRO A 50 1.53 18.40 19.94
N ALA A 51 2.25 17.89 18.95
CA ALA A 51 2.06 18.33 17.57
C ALA A 51 1.23 17.37 16.75
N ALA A 52 0.67 16.31 17.36
CA ALA A 52 -0.01 15.26 16.61
C ALA A 52 -1.44 14.99 17.10
N GLY A 53 -2.10 15.97 17.69
CA GLY A 53 -3.46 15.73 18.15
C GLY A 53 -3.52 15.53 19.66
N ASN A 54 -4.73 15.73 20.22
CA ASN A 54 -4.84 15.75 21.67
C ASN A 54 -5.24 14.40 22.27
N THR A 55 -5.18 13.30 21.50
CA THR A 55 -5.39 11.95 22.01
C THR A 55 -4.11 11.11 21.88
N TRP A 56 -4.04 10.05 22.70
CA TRP A 56 -2.97 9.05 22.58
C TRP A 56 -3.29 8.10 21.45
N ARG A 57 -2.30 7.83 20.61
CA ARG A 57 -2.44 6.89 19.51
C ARG A 57 -1.85 5.54 19.94
N THR A 58 -2.61 4.47 19.71
CA THR A 58 -2.07 3.12 19.90
C THR A 58 -1.08 2.81 18.78
N VAL A 59 0.19 2.65 19.14
CA VAL A 59 1.24 2.47 18.13
C VAL A 59 1.75 1.03 18.03
N ALA A 60 1.50 0.19 19.02
CA ALA A 60 1.86 -1.21 18.94
C ALA A 60 0.93 -2.01 19.83
N ASP A 61 0.64 -3.24 19.41
CA ASP A 61 -0.10 -4.16 20.26
C ASP A 61 0.41 -5.56 19.99
N GLY A 62 -0.08 -6.51 20.80
CA GLY A 62 0.43 -7.86 20.75
C GLY A 62 1.92 -7.97 20.99
N VAL A 63 2.51 -7.01 21.71
CA VAL A 63 3.94 -7.01 22.01
C VAL A 63 4.23 -8.06 23.08
N GLN A 64 5.08 -9.04 22.73
CA GLN A 64 5.33 -10.16 23.64
C GLN A 64 6.50 -9.91 24.58
N LEU A 65 7.40 -9.01 24.22
CA LEU A 65 8.59 -8.74 25.01
C LEU A 65 8.39 -7.48 25.86
N GLU A 66 9.38 -7.18 26.68
CA GLU A 66 9.40 -5.97 27.51
C GLU A 66 10.27 -4.87 26.91
N THR A 67 10.67 -5.04 25.65
CA THR A 67 11.40 -4.04 24.86
C THR A 67 10.80 -4.04 23.47
N HIS A 68 10.65 -2.86 22.88
CA HIS A 68 10.06 -2.75 21.56
C HIS A 68 10.41 -1.39 20.98
N THR A 69 10.57 -1.34 19.65
CA THR A 69 10.92 -0.10 18.96
C THR A 69 9.68 0.45 18.26
N VAL A 70 9.32 1.70 18.56
CA VAL A 70 8.23 2.37 17.84
C VAL A 70 8.84 3.12 16.67
N SER A 71 8.50 2.72 15.44
CA SER A 71 9.03 3.38 14.26
C SER A 71 7.91 4.16 13.56
N GLY A 72 8.22 4.70 12.39
CA GLY A 72 7.25 5.53 11.67
C GLY A 72 7.01 6.87 12.31
N LEU A 73 7.98 7.39 13.07
CA LEU A 73 7.82 8.66 13.75
C LEU A 73 8.40 9.81 12.92
N GLN A 74 8.07 11.03 13.33
CA GLN A 74 8.55 12.22 12.65
C GLN A 74 9.87 12.71 13.26
N PRO A 75 10.77 13.23 12.42
CA PRO A 75 12.02 13.82 12.95
C PRO A 75 11.76 15.06 13.80
N ASN A 76 12.68 15.29 14.73
CA ASN A 76 12.72 16.52 15.54
C ASN A 76 11.40 16.80 16.26
N THR A 77 10.76 15.72 16.76
CA THR A 77 9.42 15.79 17.33
C THR A 77 9.38 15.23 18.74
N ILE A 78 8.59 15.86 19.61
CA ILE A 78 8.45 15.43 21.00
C ILE A 78 7.45 14.29 21.08
N TYR A 79 7.83 13.19 21.76
CA TYR A 79 6.94 12.06 21.98
C TYR A 79 6.95 11.67 23.46
N LEU A 80 5.78 11.26 23.97
CA LEU A 80 5.62 10.62 25.27
C LEU A 80 4.96 9.26 25.05
N PHE A 81 5.18 8.34 26.00
CA PHE A 81 4.74 6.96 25.80
C PHE A 81 4.18 6.39 27.09
N LEU A 82 3.17 5.52 26.95
CA LEU A 82 2.73 4.71 28.07
C LEU A 82 2.44 3.29 27.58
N VAL A 83 2.42 2.34 28.51
CA VAL A 83 2.21 0.92 28.20
C VAL A 83 1.05 0.41 29.06
N ARG A 84 0.20 -0.44 28.46
CA ARG A 84 -0.78 -1.21 29.20
C ARG A 84 -0.46 -2.69 29.04
N ALA A 85 -0.67 -3.45 30.11
CA ALA A 85 -0.54 -4.90 30.08
C ALA A 85 -1.89 -5.52 29.72
N VAL A 86 -1.84 -6.55 28.90
CA VAL A 86 -3.04 -7.26 28.42
C VAL A 86 -3.10 -8.62 29.09
N GLY A 87 -4.31 -9.03 29.50
CA GLY A 87 -4.49 -10.33 30.11
C GLY A 87 -5.84 -10.93 29.74
N ALA A 88 -6.20 -12.02 30.41
CA ALA A 88 -7.42 -12.77 30.06
C ALA A 88 -8.66 -11.90 30.14
N TRP A 89 -8.67 -10.92 31.05
CA TRP A 89 -9.86 -10.13 31.32
C TRP A 89 -9.72 -8.67 30.88
N GLY A 90 -8.73 -8.36 30.04
CA GLY A 90 -8.67 -7.04 29.45
C GLY A 90 -7.32 -6.37 29.70
N LEU A 91 -7.37 -5.03 29.76
CA LEU A 91 -6.18 -4.19 29.79
C LEU A 91 -5.97 -3.61 31.18
N SER A 92 -4.72 -3.52 31.59
CA SER A 92 -4.38 -2.77 32.80
C SER A 92 -4.67 -1.29 32.59
N GLU A 93 -4.76 -0.57 33.71
CA GLU A 93 -4.64 0.88 33.66
C GLU A 93 -3.25 1.26 33.12
N PRO A 94 -3.07 2.51 32.68
CA PRO A 94 -1.79 2.89 32.07
C PRO A 94 -0.64 2.90 33.06
N SER A 95 0.54 2.51 32.57
CA SER A 95 1.78 2.79 33.26
C SER A 95 1.96 4.31 33.43
N PRO A 96 2.86 4.74 34.30
CA PRO A 96 3.30 6.13 34.26
C PRO A 96 3.82 6.49 32.88
N VAL A 97 3.70 7.77 32.52
CA VAL A 97 4.15 8.23 31.22
C VAL A 97 5.67 8.37 31.24
N SER A 98 6.31 8.04 30.11
CA SER A 98 7.75 8.20 29.99
C SER A 98 8.13 9.68 30.02
N GLU A 99 9.36 9.96 30.43
CA GLU A 99 9.90 11.31 30.28
C GLU A 99 9.89 11.68 28.81
N PRO A 100 9.46 12.89 28.45
CA PRO A 100 9.40 13.26 27.03
C PRO A 100 10.78 13.27 26.39
N VAL A 101 10.83 12.87 25.12
CA VAL A 101 12.05 12.92 24.33
C VAL A 101 11.70 13.46 22.96
N ARG A 102 12.72 13.92 22.26
CA ARG A 102 12.62 14.39 20.89
C ARG A 102 13.35 13.40 19.99
N THR A 103 12.74 13.01 18.89
CA THR A 103 13.47 12.28 17.87
C THR A 103 14.60 13.16 17.32
N GLN A 104 15.62 12.51 16.75
CA GLN A 104 16.73 13.25 16.15
C GLN A 104 16.23 14.02 14.94
N ASP A 105 16.97 15.06 14.58
CA ASP A 105 16.62 15.86 13.43
C ASP A 105 17.06 15.16 12.15
N SER A 106 16.46 15.57 11.03
CA SER A 106 16.77 14.96 9.75
C SER A 106 17.93 15.65 9.03
N GLU A 107 18.60 16.60 9.69
CA GLU A 107 19.61 17.47 9.09
C GLU A 107 19.20 17.90 7.67
N ARG B 4 8.50 -25.67 -3.33
CA ARG B 4 7.76 -25.58 -2.06
C ARG B 4 7.49 -26.97 -1.48
N GLY B 5 6.88 -26.99 -0.29
CA GLY B 5 6.47 -28.22 0.33
C GLY B 5 5.07 -28.65 -0.08
N HIS B 6 4.65 -29.78 0.47
CA HIS B 6 3.36 -30.37 0.14
C HIS B 6 2.23 -29.50 0.70
N ASN B 7 1.17 -29.33 -0.10
CA ASN B 7 0.04 -28.50 0.31
C ASN B 7 -0.95 -29.37 1.08
N PHE B 8 -0.68 -29.52 2.39
CA PHE B 8 -1.58 -30.29 3.23
C PHE B 8 -2.94 -29.63 3.34
N CYS B 9 -3.00 -28.30 3.29
CA CYS B 9 -4.27 -27.60 3.41
C CYS B 9 -5.20 -27.90 2.24
N ALA B 10 -4.65 -28.15 1.05
CA ALA B 10 -5.48 -28.38 -0.13
C ALA B 10 -6.06 -29.78 -0.20
N GLU B 11 -5.71 -30.68 0.72
CA GLU B 11 -6.18 -32.06 0.63
C GLU B 11 -7.66 -32.19 0.97
N GLY B 12 -8.24 -31.20 1.64
CA GLY B 12 -9.64 -31.26 2.00
C GLY B 12 -9.92 -30.30 3.12
N PRO B 13 -11.18 -30.17 3.52
CA PRO B 13 -11.53 -29.24 4.60
C PRO B 13 -10.85 -29.65 5.90
N LYS B 14 -10.39 -28.65 6.65
CA LYS B 14 -9.75 -28.90 7.94
C LYS B 14 -10.12 -27.87 8.99
N CYS B 15 -9.89 -26.60 8.70
CA CYS B 15 -10.16 -25.54 9.65
C CYS B 15 -11.54 -24.92 9.42
N GLY B 16 -12.16 -24.46 10.50
CA GLY B 16 -13.49 -23.91 10.45
C GLY B 16 -13.52 -22.46 9.98
N GLU B 17 -14.70 -21.86 10.14
CA GLU B 17 -15.02 -20.59 9.50
C GLU B 17 -14.12 -19.45 9.95
N ASN B 18 -13.81 -19.40 11.25
CA ASN B 18 -13.05 -18.30 11.83
C ASN B 18 -11.61 -18.72 12.13
N SER B 19 -11.11 -19.66 11.35
CA SER B 19 -9.82 -20.31 11.54
C SER B 19 -9.07 -20.27 10.22
N GLU B 20 -7.74 -20.36 10.29
CA GLU B 20 -6.88 -20.25 9.12
C GLU B 20 -5.98 -21.47 9.04
N CYS B 21 -5.91 -22.08 7.85
CA CYS B 21 -5.08 -23.26 7.62
C CYS B 21 -3.67 -22.84 7.21
N LYS B 22 -2.67 -23.42 7.87
CA LYS B 22 -1.27 -23.16 7.57
C LYS B 22 -0.58 -24.48 7.22
N ASN B 23 0.21 -24.47 6.16
CA ASN B 23 1.01 -25.64 5.78
C ASN B 23 2.31 -25.61 6.56
N TRP B 24 2.55 -26.62 7.38
CA TRP B 24 3.85 -26.85 7.97
C TRP B 24 4.56 -27.97 7.18
N ASN B 25 5.79 -28.31 7.60
CA ASN B 25 6.60 -29.28 6.84
C ASN B 25 5.91 -30.62 6.69
N THR B 26 5.19 -31.06 7.71
CA THR B 26 4.67 -32.43 7.74
C THR B 26 3.16 -32.52 7.88
N LYS B 27 2.47 -31.40 8.02
CA LYS B 27 1.03 -31.43 8.31
C LYS B 27 0.45 -30.02 8.13
N ALA B 28 -0.87 -29.95 8.02
CA ALA B 28 -1.58 -28.69 8.14
C ALA B 28 -1.86 -28.42 9.61
N THR B 29 -1.92 -27.13 9.96
CA THR B 29 -2.34 -26.71 11.29
C THR B 29 -3.35 -25.58 11.14
N CYS B 30 -4.17 -25.42 12.17
CA CYS B 30 -5.18 -24.37 12.23
C CYS B 30 -4.86 -23.37 13.33
N GLU B 31 -5.07 -22.09 13.03
CA GLU B 31 -4.94 -21.02 14.00
C GLU B 31 -6.16 -20.12 13.89
N CYS B 32 -6.72 -19.71 15.04
CA CYS B 32 -7.85 -18.78 15.02
C CYS B 32 -7.43 -17.46 14.37
N LYS B 33 -8.36 -16.84 13.66
CA LYS B 33 -8.12 -15.47 13.17
C LYS B 33 -7.90 -14.53 14.36
N SER B 34 -7.25 -13.40 14.08
N SER B 34 -7.26 -13.39 14.07
CA SER B 34 -6.99 -12.43 15.13
CA SER B 34 -7.01 -12.41 15.12
C SER B 34 -8.30 -11.96 15.74
C SER B 34 -8.32 -11.97 15.74
N GLY B 35 -8.36 -11.93 17.07
CA GLY B 35 -9.56 -11.56 17.79
C GLY B 35 -10.55 -12.68 17.97
N TYR B 36 -10.21 -13.88 17.53
CA TYR B 36 -11.06 -15.04 17.71
C TYR B 36 -10.37 -16.03 18.65
N ILE B 37 -11.16 -16.95 19.18
CA ILE B 37 -10.68 -17.90 20.17
C ILE B 37 -11.37 -19.25 19.95
N SER B 38 -10.67 -20.33 20.29
CA SER B 38 -11.26 -21.65 20.10
C SER B 38 -12.58 -21.76 20.87
N VAL B 39 -13.57 -22.41 20.25
CA VAL B 39 -14.88 -22.58 20.87
C VAL B 39 -14.78 -23.51 22.08
N GLN B 40 -14.03 -24.60 21.94
CA GLN B 40 -13.88 -25.59 22.99
C GLN B 40 -12.50 -26.24 22.92
N GLY B 41 -11.44 -25.44 22.93
CA GLY B 41 -10.08 -25.95 23.01
C GLY B 41 -9.46 -26.44 21.71
N ASP B 42 -10.15 -26.32 20.57
CA ASP B 42 -9.63 -26.82 19.30
C ASP B 42 -9.52 -25.64 18.35
N SER B 43 -8.28 -25.27 17.98
CA SER B 43 -8.14 -24.03 17.21
C SER B 43 -8.65 -24.14 15.78
N ALA B 44 -9.10 -25.31 15.35
CA ALA B 44 -9.82 -25.44 14.08
C ALA B 44 -11.20 -24.78 14.11
N TYR B 45 -11.78 -24.56 15.28
CA TYR B 45 -13.14 -24.03 15.38
C TYR B 45 -13.12 -22.87 16.38
N CYS B 46 -13.33 -21.66 15.88
CA CYS B 46 -13.16 -20.47 16.68
C CYS B 46 -14.41 -19.60 16.62
N GLU B 47 -14.53 -18.74 17.64
CA GLU B 47 -15.62 -17.79 17.79
C GLU B 47 -15.03 -16.44 18.17
N ASP B 48 -15.80 -15.38 17.91
CA ASP B 48 -15.33 -14.03 18.24
C ASP B 48 -15.15 -13.86 19.74
N ILE B 49 -14.02 -13.27 20.14
CA ILE B 49 -13.88 -12.85 21.53
C ILE B 49 -14.83 -11.69 21.77
N ASP B 50 -15.60 -11.77 22.85
CA ASP B 50 -16.52 -10.68 23.23
C ASP B 50 -15.82 -9.86 24.30
N GLU B 51 -15.10 -8.82 23.87
CA GLU B 51 -14.38 -7.98 24.82
C GLU B 51 -15.32 -7.16 25.69
N CYS B 52 -16.61 -7.12 25.38
CA CYS B 52 -17.56 -6.37 26.18
C CYS B 52 -18.36 -7.25 27.12
N ALA B 53 -18.04 -8.54 27.20
CA ALA B 53 -18.80 -9.42 28.08
C ALA B 53 -18.62 -9.00 29.54
N ALA B 54 -19.49 -9.51 30.40
CA ALA B 54 -19.41 -9.19 31.81
C ALA B 54 -18.03 -9.58 32.36
N LYS B 55 -17.54 -8.76 33.30
CA LYS B 55 -16.24 -8.91 33.95
C LYS B 55 -15.06 -8.57 33.03
N MET B 56 -15.31 -8.22 31.77
CA MET B 56 -14.24 -7.78 30.89
C MET B 56 -13.89 -6.33 31.18
N HIS B 57 -12.61 -6.01 31.04
CA HIS B 57 -12.13 -4.67 31.27
C HIS B 57 -11.19 -4.24 30.15
N TYR B 58 -11.57 -4.48 28.90
CA TYR B 58 -10.83 -3.89 27.79
C TYR B 58 -11.07 -2.39 27.72
N CYS B 59 -12.33 -1.97 27.80
CA CYS B 59 -12.68 -0.55 27.81
C CYS B 59 -12.65 -0.01 29.22
N HIS B 60 -12.23 1.24 29.36
CA HIS B 60 -12.06 1.82 30.69
C HIS B 60 -12.95 3.05 30.85
N ALA B 61 -12.52 4.00 31.69
CA ALA B 61 -13.41 5.02 32.22
C ALA B 61 -14.17 5.78 31.13
N ASN B 62 -15.48 5.93 31.34
CA ASN B 62 -16.34 6.84 30.58
C ASN B 62 -16.48 6.40 29.12
N THR B 63 -16.49 5.09 28.88
CA THR B 63 -16.70 4.56 27.54
C THR B 63 -17.85 3.56 27.57
N VAL B 64 -18.38 3.30 26.37
CA VAL B 64 -19.37 2.24 26.14
C VAL B 64 -18.69 1.22 25.22
N CYS B 65 -18.54 -0.01 25.68
CA CYS B 65 -17.88 -1.03 24.89
C CYS B 65 -18.79 -1.52 23.78
N VAL B 66 -18.25 -1.64 22.57
CA VAL B 66 -18.97 -2.14 21.41
C VAL B 66 -18.19 -3.34 20.87
N ASN B 67 -18.81 -4.51 20.89
CA ASN B 67 -18.10 -5.69 20.41
C ASN B 67 -18.15 -5.75 18.88
N LEU B 68 -17.07 -6.23 18.27
CA LEU B 68 -16.98 -6.35 16.83
C LEU B 68 -16.41 -7.72 16.47
N PRO B 69 -16.64 -8.19 15.24
CA PRO B 69 -16.07 -9.50 14.85
C PRO B 69 -14.58 -9.39 14.65
N GLY B 70 -13.80 -9.98 15.56
CA GLY B 70 -12.37 -9.86 15.52
C GLY B 70 -11.81 -8.62 16.21
N LEU B 71 -12.66 -7.72 16.66
CA LEU B 71 -12.20 -6.49 17.29
C LEU B 71 -13.20 -6.05 18.35
N TYR B 72 -13.08 -4.79 18.75
CA TYR B 72 -14.04 -4.12 19.62
C TYR B 72 -13.71 -2.64 19.54
N ARG B 73 -14.56 -1.81 20.12
CA ARG B 73 -14.41 -0.37 20.09
C ARG B 73 -14.89 0.19 21.43
N CYS B 74 -14.25 1.27 21.91
CA CYS B 74 -14.69 1.91 23.16
C CYS B 74 -15.18 3.31 22.79
N ASP B 75 -16.49 3.47 22.63
CA ASP B 75 -17.06 4.79 22.34
C ASP B 75 -17.13 5.62 23.61
N CYS B 76 -16.98 6.95 23.46
CA CYS B 76 -17.14 7.81 24.62
C CYS B 76 -18.61 7.82 25.05
N VAL B 77 -18.83 7.86 26.37
CA VAL B 77 -20.14 8.20 26.93
C VAL B 77 -20.58 9.50 26.26
N PRO B 78 -21.86 9.67 25.91
CA PRO B 78 -22.31 10.90 25.27
C PRO B 78 -21.88 12.11 26.09
N GLY B 79 -21.31 13.10 25.39
CA GLY B 79 -20.81 14.29 26.03
C GLY B 79 -19.35 14.25 26.45
N TYR B 80 -18.74 13.06 26.51
CA TYR B 80 -17.36 12.94 26.96
C TYR B 80 -16.40 13.03 25.77
N ILE B 81 -15.13 13.35 26.05
CA ILE B 81 -14.14 13.55 25.00
C ILE B 81 -12.99 12.57 25.17
N ARG B 82 -12.47 12.09 24.05
CA ARG B 82 -11.55 10.97 24.06
C ARG B 82 -10.18 11.34 24.67
N VAL B 83 -9.66 10.44 25.50
CA VAL B 83 -8.26 10.49 25.95
C VAL B 83 -7.39 9.53 25.15
N ASP B 84 -7.81 8.26 25.05
CA ASP B 84 -7.15 7.27 24.20
C ASP B 84 -8.21 6.28 23.73
N ASP B 85 -7.78 5.21 23.06
CA ASP B 85 -8.73 4.24 22.52
C ASP B 85 -9.61 3.61 23.59
N PHE B 86 -9.21 3.68 24.84
CA PHE B 86 -9.86 2.94 25.92
C PHE B 86 -10.54 3.80 26.97
N SER B 87 -10.45 5.13 26.89
CA SER B 87 -10.95 5.95 27.99
C SER B 87 -11.31 7.34 27.47
N CYS B 88 -12.32 7.96 28.10
CA CYS B 88 -12.69 9.34 27.81
C CYS B 88 -12.80 10.12 29.11
N THR B 89 -12.98 11.44 28.98
CA THR B 89 -12.99 12.36 30.11
C THR B 89 -14.05 13.43 29.86
N GLU B 90 -14.52 14.04 30.96
CA GLU B 90 -15.72 14.88 30.89
C GLU B 90 -15.48 16.18 30.13
N HIS B 91 -14.30 16.75 30.24
CA HIS B 91 -14.00 18.07 29.67
C HIS B 91 -12.65 18.06 28.96
N ASP B 92 -12.54 18.87 27.91
CA ASP B 92 -11.25 19.12 27.27
C ASP B 92 -10.60 20.28 28.02
N GLU B 93 -10.03 19.97 29.19
CA GLU B 93 -9.50 21.02 30.05
C GLU B 93 -8.32 21.74 29.37
N CYS B 94 -7.51 21.01 28.61
CA CYS B 94 -6.38 21.64 27.94
C CYS B 94 -6.84 22.63 26.87
N GLY B 95 -7.91 22.31 26.14
CA GLY B 95 -8.38 23.19 25.08
C GLY B 95 -9.24 24.35 25.53
N SER B 96 -9.65 24.38 26.79
CA SER B 96 -10.54 25.42 27.28
C SER B 96 -9.84 26.46 28.12
N GLY B 97 -8.53 26.34 28.33
CA GLY B 97 -7.85 27.18 29.28
C GLY B 97 -8.02 26.76 30.72
N GLN B 98 -8.68 25.62 30.98
CA GLN B 98 -8.84 25.10 32.33
C GLN B 98 -7.54 24.46 32.83
N HIS B 99 -6.43 25.18 32.71
CA HIS B 99 -5.12 24.67 33.11
C HIS B 99 -4.20 25.86 33.36
N ASN B 100 -3.15 25.60 34.12
CA ASN B 100 -2.10 26.59 34.35
C ASN B 100 -0.74 26.02 33.96
N CYS B 101 -0.69 25.29 32.86
CA CYS B 101 0.57 24.77 32.36
C CYS B 101 1.52 25.90 31.96
N ASP B 102 2.79 25.72 32.28
CA ASP B 102 3.82 26.63 31.82
C ASP B 102 3.79 26.73 30.29
N GLU B 103 4.27 27.88 29.79
CA GLU B 103 4.29 28.17 28.36
C GLU B 103 5.07 27.10 27.59
N ASN B 104 6.05 26.49 28.24
CA ASN B 104 6.86 25.44 27.64
C ASN B 104 6.57 24.07 28.25
N ALA B 105 5.39 23.89 28.85
CA ALA B 105 4.91 22.59 29.30
C ALA B 105 3.83 22.06 28.36
N ILE B 106 3.80 20.74 28.22
CA ILE B 106 2.80 20.06 27.41
C ILE B 106 1.58 19.77 28.27
N CYS B 107 0.40 20.14 27.78
CA CYS B 107 -0.87 19.83 28.44
C CYS B 107 -1.53 18.62 27.78
N THR B 108 -1.86 17.62 28.60
CA THR B 108 -2.53 16.40 28.14
CA THR B 108 -2.52 16.41 28.15
C THR B 108 -3.75 16.14 29.00
N ASN B 109 -4.90 15.94 28.36
CA ASN B 109 -6.10 15.58 29.11
C ASN B 109 -5.92 14.20 29.73
N THR B 110 -6.52 14.04 30.91
CA THR B 110 -6.58 12.75 31.59
C THR B 110 -8.01 12.47 32.03
N VAL B 111 -8.26 11.23 32.47
CA VAL B 111 -9.57 10.91 33.02
C VAL B 111 -9.90 11.83 34.20
N GLN B 112 -8.90 12.14 35.02
CA GLN B 112 -9.15 12.95 36.21
C GLN B 112 -9.16 14.45 35.92
N GLY B 113 -8.57 14.88 34.80
CA GLY B 113 -8.46 16.29 34.51
C GLY B 113 -7.42 16.53 33.45
N HIS B 114 -6.20 16.90 33.86
CA HIS B 114 -5.11 17.07 32.90
C HIS B 114 -3.78 16.98 33.63
N SER B 115 -2.71 16.79 32.85
CA SER B 115 -1.34 16.86 33.32
C SER B 115 -0.60 17.96 32.57
N CYS B 116 0.44 18.52 33.22
CA CYS B 116 1.35 19.47 32.59
C CYS B 116 2.77 18.91 32.69
N THR B 117 3.42 18.73 31.55
CA THR B 117 4.75 18.13 31.50
C THR B 117 5.71 19.07 30.79
N CYS B 118 6.82 19.44 31.44
CA CYS B 118 7.80 20.32 30.82
C CYS B 118 8.40 19.66 29.59
N LYS B 119 8.57 20.44 28.51
CA LYS B 119 9.08 19.89 27.26
C LYS B 119 10.56 19.53 27.41
N PRO B 120 11.11 18.73 26.48
CA PRO B 120 12.52 18.32 26.62
C PRO B 120 13.46 19.50 26.67
N GLY B 121 14.45 19.38 27.55
CA GLY B 121 15.38 20.46 27.81
C GLY B 121 15.01 21.35 28.98
N TYR B 122 13.79 21.24 29.47
CA TYR B 122 13.29 22.05 30.58
C TYR B 122 13.04 21.18 31.79
N VAL B 123 13.14 21.78 32.96
CA VAL B 123 12.94 21.12 34.25
C VAL B 123 11.83 21.86 35.00
N GLY B 124 11.07 21.12 35.77
CA GLY B 124 10.01 21.72 36.56
C GLY B 124 8.86 20.75 36.72
N ASN B 125 7.80 21.23 37.37
CA ASN B 125 6.63 20.40 37.63
C ASN B 125 5.49 20.65 36.66
N GLY B 126 5.75 21.35 35.55
CA GLY B 126 4.76 21.59 34.52
C GLY B 126 3.96 22.86 34.72
N THR B 127 3.73 23.27 35.96
CA THR B 127 3.17 24.59 36.23
C THR B 127 4.21 25.67 35.96
N ILE B 128 5.47 25.38 36.26
CA ILE B 128 6.59 26.22 35.89
C ILE B 128 7.68 25.34 35.31
N CYS B 129 8.31 25.81 34.24
CA CYS B 129 9.40 25.11 33.57
C CYS B 129 10.55 26.08 33.37
N ARG B 130 11.77 25.60 33.60
CA ARG B 130 13.00 26.36 33.39
C ARG B 130 13.95 25.52 32.55
N ALA B 131 14.65 26.19 31.62
CA ALA B 131 15.63 25.51 30.78
C ALA B 131 16.72 24.86 31.64
N GLU B 132 17.13 23.66 31.24
CA GLU B 132 18.13 22.93 32.00
C GLU B 132 19.48 23.64 31.99
N PRO C 6 -12.61 34.06 -18.76
CA PRO C 6 -13.22 35.02 -17.85
C PRO C 6 -13.26 34.47 -16.42
N SER C 7 -12.09 34.22 -15.85
CA SER C 7 -11.93 33.64 -14.52
C SER C 7 -12.51 32.23 -14.45
N SER C 8 -11.95 31.35 -15.28
CA SER C 8 -12.41 29.98 -15.28
C SER C 8 -11.26 29.07 -14.91
N PRO C 9 -11.54 27.90 -14.32
CA PRO C 9 -10.49 26.90 -14.10
C PRO C 9 -10.12 26.25 -15.41
N PRO C 10 -9.01 25.50 -15.44
CA PRO C 10 -8.66 24.76 -16.66
C PRO C 10 -9.69 23.69 -16.98
N GLY C 11 -9.63 23.20 -18.22
CA GLY C 11 -10.45 22.06 -18.57
C GLY C 11 -9.95 20.78 -17.93
N ALA C 12 -10.84 19.79 -17.87
CA ALA C 12 -10.47 18.51 -17.26
C ALA C 12 -9.47 17.78 -18.15
N PRO C 13 -8.44 17.17 -17.56
CA PRO C 13 -7.49 16.36 -18.35
C PRO C 13 -8.13 15.09 -18.90
N SER C 14 -7.36 14.40 -19.74
CA SER C 14 -7.78 13.15 -20.34
C SER C 14 -7.72 12.01 -19.31
N GLN C 15 -8.30 10.88 -19.68
CA GLN C 15 -8.30 9.69 -18.80
C GLN C 15 -6.87 9.28 -18.48
N PRO C 16 -6.50 9.13 -17.21
CA PRO C 16 -5.16 8.66 -16.89
C PRO C 16 -4.96 7.21 -17.31
N VAL C 17 -3.75 6.91 -17.78
CA VAL C 17 -3.38 5.58 -18.25
C VAL C 17 -2.29 5.04 -17.34
N VAL C 18 -2.47 3.81 -16.86
CA VAL C 18 -1.46 3.18 -16.03
C VAL C 18 -0.35 2.67 -16.93
N THR C 19 0.89 3.06 -16.62
CA THR C 19 2.05 2.72 -17.42
C THR C 19 3.01 1.75 -16.75
N GLU C 20 2.93 1.58 -15.44
CA GLU C 20 3.78 0.64 -14.73
C GLU C 20 3.11 0.29 -13.40
N ILE C 21 3.29 -0.95 -12.96
CA ILE C 21 2.71 -1.41 -11.70
C ILE C 21 3.78 -2.14 -10.88
N THR C 22 3.80 -1.86 -9.57
CA THR C 22 4.59 -2.66 -8.63
C THR C 22 3.68 -3.15 -7.51
N LYS C 23 4.24 -3.66 -6.41
CA LYS C 23 3.31 -4.10 -5.38
C LYS C 23 2.88 -2.98 -4.45
N ASN C 24 3.53 -1.80 -4.52
CA ASN C 24 3.18 -0.68 -3.66
C ASN C 24 3.06 0.63 -4.43
N SER C 25 3.03 0.60 -5.76
CA SER C 25 3.01 1.84 -6.52
C SER C 25 2.39 1.62 -7.88
N ILE C 26 1.87 2.71 -8.45
CA ILE C 26 1.28 2.73 -9.79
C ILE C 26 1.81 3.99 -10.47
N THR C 27 2.25 3.87 -11.73
CA THR C 27 2.69 5.04 -12.49
C THR C 27 1.60 5.40 -13.49
N LEU C 28 1.23 6.70 -13.52
CA LEU C 28 0.15 7.21 -14.35
C LEU C 28 0.65 8.28 -15.30
N THR C 29 -0.01 8.40 -16.45
CA THR C 29 0.22 9.48 -17.40
C THR C 29 -1.13 9.94 -17.95
N TRP C 30 -1.19 11.22 -18.34
CA TRP C 30 -2.39 11.87 -18.84
C TRP C 30 -1.96 13.04 -19.70
N LYS C 31 -2.94 13.75 -20.27
CA LYS C 31 -2.68 14.93 -21.06
C LYS C 31 -3.60 16.06 -20.63
N PRO C 32 -3.18 17.31 -20.78
CA PRO C 32 -4.08 18.43 -20.49
C PRO C 32 -5.19 18.49 -21.53
N ASN C 33 -6.29 19.14 -21.14
CA ASN C 33 -7.41 19.31 -22.05
C ASN C 33 -6.95 20.05 -23.31
N PRO C 34 -7.23 19.52 -24.50
CA PRO C 34 -6.75 20.19 -25.71
C PRO C 34 -7.52 21.46 -26.06
N GLN C 35 -8.71 21.66 -25.53
CA GLN C 35 -9.50 22.83 -25.89
C GLN C 35 -8.85 24.10 -25.35
N THR C 36 -8.98 25.18 -26.11
CA THR C 36 -8.41 26.45 -25.66
C THR C 36 -9.10 26.91 -24.37
N GLY C 37 -8.30 27.23 -23.37
CA GLY C 37 -8.85 27.60 -22.07
C GLY C 37 -7.79 28.08 -21.11
N ALA C 38 -8.12 28.07 -19.83
CA ALA C 38 -7.23 28.59 -18.80
C ALA C 38 -5.96 27.75 -18.71
N ALA C 39 -4.86 28.42 -18.36
CA ALA C 39 -3.56 27.75 -18.29
C ALA C 39 -3.47 26.85 -17.07
N VAL C 40 -2.81 25.72 -17.25
CA VAL C 40 -2.61 24.74 -16.18
C VAL C 40 -1.28 25.03 -15.48
N THR C 41 -1.32 25.17 -14.16
CA THR C 41 -0.09 25.35 -13.40
C THR C 41 0.36 24.09 -12.64
N SER C 42 -0.55 23.15 -12.35
CA SER C 42 -0.16 21.88 -11.74
C SER C 42 -1.35 20.93 -11.84
N TYR C 43 -1.17 19.69 -11.33
CA TYR C 43 -2.21 18.67 -11.31
C TYR C 43 -2.42 18.09 -9.93
N VAL C 44 -3.64 17.61 -9.70
CA VAL C 44 -4.02 16.89 -8.49
C VAL C 44 -4.45 15.49 -8.92
N ILE C 45 -4.00 14.47 -8.18
CA ILE C 45 -4.31 13.07 -8.46
C ILE C 45 -5.15 12.51 -7.32
N GLU C 46 -6.25 11.84 -7.67
CA GLU C 46 -7.12 11.22 -6.67
C GLU C 46 -7.21 9.72 -6.95
N ALA C 47 -7.24 8.94 -5.87
CA ALA C 47 -7.30 7.48 -5.94
C ALA C 47 -8.55 6.97 -5.22
N PHE C 48 -9.14 5.91 -5.76
CA PHE C 48 -10.26 5.23 -5.13
C PHE C 48 -9.93 3.75 -5.04
N SER C 49 -10.33 3.10 -3.94
CA SER C 49 -10.24 1.65 -3.84
C SER C 49 -11.51 1.15 -3.13
N PRO C 50 -12.16 0.10 -3.66
CA PRO C 50 -13.34 -0.44 -2.96
C PRO C 50 -13.00 -0.98 -1.58
N ALA C 51 -11.73 -1.19 -1.27
CA ALA C 51 -11.36 -1.68 0.05
C ALA C 51 -10.81 -0.58 0.95
N ALA C 52 -10.87 0.69 0.53
CA ALA C 52 -10.22 1.77 1.27
C ALA C 52 -11.18 2.91 1.61
N GLY C 53 -12.48 2.66 1.73
CA GLY C 53 -13.38 3.74 2.03
C GLY C 53 -14.14 4.21 0.78
N ASN C 54 -15.25 4.91 1.01
CA ASN C 54 -16.13 5.25 -0.10
C ASN C 54 -15.90 6.66 -0.66
N THR C 55 -14.79 7.32 -0.29
CA THR C 55 -14.41 8.60 -0.88
C THR C 55 -13.10 8.46 -1.66
N TRP C 56 -12.89 9.40 -2.59
CA TRP C 56 -11.60 9.53 -3.28
C TRP C 56 -10.60 10.23 -2.36
N ARG C 57 -9.39 9.68 -2.28
CA ARG C 57 -8.32 10.28 -1.49
C ARG C 57 -7.38 11.06 -2.42
N THR C 58 -7.06 12.30 -2.05
CA THR C 58 -6.05 13.07 -2.77
C THR C 58 -4.67 12.49 -2.47
N VAL C 59 -4.01 11.92 -3.47
CA VAL C 59 -2.74 11.22 -3.25
C VAL C 59 -1.53 12.00 -3.75
N ALA C 60 -1.73 13.02 -4.59
CA ALA C 60 -0.63 13.87 -5.02
C ALA C 60 -1.19 15.23 -5.42
N ASP C 61 -0.40 16.27 -5.19
CA ASP C 61 -0.76 17.59 -5.66
C ASP C 61 0.51 18.34 -6.02
N GLY C 62 0.33 19.52 -6.61
CA GLY C 62 1.48 20.25 -7.11
C GLY C 62 2.30 19.48 -8.13
N VAL C 63 1.68 18.53 -8.82
CA VAL C 63 2.37 17.74 -9.83
C VAL C 63 2.59 18.58 -11.07
N GLN C 64 3.86 18.78 -11.44
CA GLN C 64 4.20 19.66 -12.54
C GLN C 64 4.22 18.96 -13.88
N LEU C 65 4.45 17.65 -13.92
CA LEU C 65 4.55 16.91 -15.17
C LEU C 65 3.22 16.22 -15.49
N GLU C 66 3.20 15.56 -16.64
CA GLU C 66 2.04 14.79 -17.09
C GLU C 66 2.22 13.31 -16.87
N THR C 67 3.22 12.92 -16.08
CA THR C 67 3.47 11.56 -15.62
C THR C 67 3.85 11.65 -14.15
N HIS C 68 3.38 10.69 -13.35
CA HIS C 68 3.67 10.71 -11.92
C HIS C 68 3.39 9.32 -11.35
N THR C 69 4.17 8.95 -10.33
CA THR C 69 4.05 7.65 -9.67
C THR C 69 3.39 7.84 -8.31
N VAL C 70 2.29 7.13 -8.09
CA VAL C 70 1.62 7.10 -6.80
C VAL C 70 2.17 5.91 -6.03
N SER C 71 2.83 6.17 -4.92
CA SER C 71 3.39 5.10 -4.11
C SER C 71 2.64 5.01 -2.79
N GLY C 72 3.15 4.18 -1.87
CA GLY C 72 2.46 3.99 -0.61
C GLY C 72 1.18 3.20 -0.72
N LEU C 73 1.01 2.39 -1.76
CA LEU C 73 -0.20 1.61 -1.97
C LEU C 73 -0.06 0.22 -1.36
N GLN C 74 -1.26 -0.51 -1.26
CA GLN C 74 -1.31 -1.86 -0.71
C GLN C 74 -1.13 -2.90 -1.82
N PRO C 75 -0.46 -4.00 -1.51
CA PRO C 75 -0.32 -5.07 -2.51
C PRO C 75 -1.65 -5.72 -2.86
N ASN C 76 -1.74 -6.20 -4.11
CA ASN C 76 -2.88 -7.02 -4.55
C ASN C 76 -4.21 -6.30 -4.31
N THR C 77 -4.25 -5.00 -4.59
CA THR C 77 -5.41 -4.15 -4.28
C THR C 77 -5.86 -3.42 -5.54
N ILE C 78 -7.19 -3.27 -5.69
CA ILE C 78 -7.78 -2.58 -6.83
C ILE C 78 -7.73 -1.08 -6.60
N TYR C 79 -7.24 -0.32 -7.58
CA TYR C 79 -7.22 1.13 -7.49
C TYR C 79 -7.75 1.71 -8.78
N LEU C 80 -8.49 2.81 -8.65
CA LEU C 80 -8.89 3.66 -9.76
C LEU C 80 -8.36 5.06 -9.48
N PHE C 81 -8.18 5.85 -10.53
CA PHE C 81 -7.50 7.14 -10.43
C PHE C 81 -8.21 8.18 -11.29
N LEU C 82 -8.17 9.43 -10.83
CA LEU C 82 -8.58 10.54 -11.68
C LEU C 82 -7.64 11.71 -11.42
N VAL C 83 -7.63 12.65 -12.36
CA VAL C 83 -6.74 13.81 -12.31
C VAL C 83 -7.57 15.07 -12.47
N ARG C 84 -7.22 16.11 -11.71
CA ARG C 84 -7.74 17.45 -11.93
C ARG C 84 -6.60 18.40 -12.26
N ALA C 85 -6.84 19.33 -13.18
CA ALA C 85 -5.90 20.39 -13.51
C ALA C 85 -6.16 21.62 -12.64
N VAL C 86 -5.07 22.24 -12.18
CA VAL C 86 -5.11 23.42 -11.31
C VAL C 86 -4.67 24.63 -12.10
N GLY C 87 -5.35 25.76 -11.89
CA GLY C 87 -5.01 27.01 -12.52
C GLY C 87 -5.25 28.17 -11.59
N ALA C 88 -5.14 29.39 -12.13
CA ALA C 88 -5.22 30.59 -11.31
C ALA C 88 -6.53 30.69 -10.54
N TRP C 89 -7.62 30.13 -11.08
CA TRP C 89 -8.95 30.29 -10.51
C TRP C 89 -9.51 28.98 -9.97
N GLY C 90 -8.67 27.98 -9.77
CA GLY C 90 -9.12 26.77 -9.09
C GLY C 90 -8.91 25.49 -9.85
N LEU C 91 -9.76 24.49 -9.59
CA LEU C 91 -9.57 23.14 -10.08
C LEU C 91 -10.53 22.83 -11.22
N SER C 92 -10.04 22.12 -12.23
CA SER C 92 -10.93 21.58 -13.24
C SER C 92 -11.86 20.54 -12.63
N GLU C 93 -12.94 20.24 -13.35
CA GLU C 93 -13.70 19.04 -13.03
C GLU C 93 -12.82 17.79 -13.22
N PRO C 94 -13.21 16.65 -12.66
CA PRO C 94 -12.36 15.45 -12.76
C PRO C 94 -12.21 14.94 -14.18
N SER C 95 -11.02 14.44 -14.49
CA SER C 95 -10.83 13.65 -15.69
C SER C 95 -11.74 12.41 -15.65
N PRO C 96 -11.94 11.74 -16.79
CA PRO C 96 -12.49 10.38 -16.74
C PRO C 96 -11.63 9.50 -15.84
N VAL C 97 -12.25 8.50 -15.23
CA VAL C 97 -11.56 7.59 -14.32
C VAL C 97 -10.75 6.58 -15.13
N SER C 98 -9.56 6.24 -14.62
CA SER C 98 -8.75 5.21 -15.25
C SER C 98 -9.43 3.84 -15.19
N GLU C 99 -9.04 2.96 -16.11
CA GLU C 99 -9.42 1.56 -16.01
C GLU C 99 -8.89 0.99 -14.69
N PRO C 100 -9.68 0.18 -13.99
CA PRO C 100 -9.21 -0.37 -12.71
C PRO C 100 -7.99 -1.25 -12.91
N VAL C 101 -7.06 -1.18 -11.96
CA VAL C 101 -5.89 -2.05 -11.98
C VAL C 101 -5.70 -2.61 -10.58
N ARG C 102 -4.95 -3.70 -10.51
CA ARG C 102 -4.57 -4.28 -9.23
C ARG C 102 -3.06 -4.12 -9.08
N THR C 103 -2.62 -3.64 -7.91
CA THR C 103 -1.20 -3.71 -7.61
C THR C 103 -0.75 -5.16 -7.58
N GLN C 104 0.53 -5.38 -7.81
CA GLN C 104 1.08 -6.73 -7.81
C GLN C 104 0.99 -7.33 -6.42
N ASP C 105 1.00 -8.67 -6.37
CA ASP C 105 0.94 -9.35 -5.08
C ASP C 105 2.32 -9.34 -4.43
N SER C 106 2.34 -9.54 -3.12
CA SER C 106 3.59 -9.51 -2.37
C SER C 106 4.25 -10.90 -2.28
N ARG D 4 29.88 24.39 4.67
CA ARG D 4 28.75 25.01 3.97
C ARG D 4 29.13 26.38 3.40
N GLY D 5 28.19 27.01 2.70
CA GLY D 5 28.39 28.33 2.16
C GLY D 5 28.01 29.42 3.15
N HIS D 6 28.14 30.67 2.69
CA HIS D 6 27.85 31.82 3.53
C HIS D 6 26.35 31.89 3.84
N ASN D 7 26.01 32.23 5.08
CA ASN D 7 24.63 32.33 5.55
C ASN D 7 24.12 33.75 5.28
N PHE D 8 23.62 33.98 4.06
CA PHE D 8 23.08 35.30 3.74
C PHE D 8 21.83 35.62 4.55
N CYS D 9 21.05 34.60 4.88
CA CYS D 9 19.82 34.85 5.64
C CYS D 9 20.12 35.43 7.02
N ALA D 10 21.28 35.13 7.61
CA ALA D 10 21.58 35.60 8.96
C ALA D 10 22.08 37.04 9.02
N GLU D 11 22.32 37.69 7.88
CA GLU D 11 22.90 39.03 7.91
C GLU D 11 21.92 40.08 8.40
N GLY D 12 20.63 39.77 8.39
CA GLY D 12 19.62 40.68 8.84
C GLY D 12 18.27 40.27 8.28
N PRO D 13 17.22 40.99 8.70
CA PRO D 13 15.88 40.66 8.19
C PRO D 13 15.80 40.83 6.68
N LYS D 14 15.10 39.92 6.01
CA LYS D 14 14.93 40.04 4.57
C LYS D 14 13.51 39.67 4.16
N CYS D 15 13.06 38.47 4.50
CA CYS D 15 11.74 38.02 4.11
C CYS D 15 10.70 38.33 5.19
N GLY D 16 9.47 38.58 4.76
CA GLY D 16 8.40 38.95 5.66
C GLY D 16 7.74 37.76 6.34
N GLU D 17 6.59 38.05 6.97
CA GLU D 17 5.98 37.14 7.94
C GLU D 17 5.59 35.80 7.31
N ASN D 18 5.09 35.84 6.07
CA ASN D 18 4.58 34.64 5.42
C ASN D 18 5.52 34.15 4.33
N SER D 19 6.81 34.42 4.50
CA SER D 19 7.83 34.15 3.49
C SER D 19 8.97 33.41 4.18
N GLU D 20 9.75 32.67 3.38
CA GLU D 20 10.83 31.83 3.87
C GLU D 20 12.13 32.22 3.20
N CYS D 21 13.17 32.42 4.00
CA CYS D 21 14.48 32.80 3.49
C CYS D 21 15.27 31.55 3.14
N LYS D 22 15.85 31.55 1.95
CA LYS D 22 16.66 30.44 1.44
C LYS D 22 18.05 30.97 1.10
N ASN D 23 19.08 30.24 1.51
CA ASN D 23 20.46 30.60 1.19
C ASN D 23 20.81 30.01 -0.17
N TRP D 24 21.14 30.87 -1.13
CA TRP D 24 21.73 30.43 -2.38
C TRP D 24 23.24 30.68 -2.35
N ASN D 25 23.92 30.34 -3.46
CA ASN D 25 25.38 30.44 -3.51
C ASN D 25 25.87 31.86 -3.25
N THR D 26 25.15 32.86 -3.77
CA THR D 26 25.62 34.24 -3.79
C THR D 26 24.70 35.21 -3.08
N LYS D 27 23.55 34.79 -2.59
CA LYS D 27 22.56 35.73 -2.08
C LYS D 27 21.50 34.97 -1.32
N ALA D 28 20.72 35.70 -0.52
CA ALA D 28 19.50 35.16 0.03
C ALA D 28 18.36 35.36 -0.96
N THR D 29 17.37 34.47 -0.91
CA THR D 29 16.14 34.65 -1.69
C THR D 29 14.94 34.34 -0.80
N CYS D 30 13.79 34.92 -1.16
CA CYS D 30 12.55 34.70 -0.42
C CYS D 30 11.54 33.95 -1.28
N GLU D 31 10.85 33.00 -0.66
CA GLU D 31 9.77 32.28 -1.31
C GLU D 31 8.56 32.30 -0.38
N CYS D 32 7.37 32.54 -0.94
CA CYS D 32 6.17 32.50 -0.11
C CYS D 32 5.97 31.11 0.47
N LYS D 33 5.45 31.05 1.70
CA LYS D 33 5.06 29.75 2.25
C LYS D 33 3.98 29.10 1.37
N SER D 34 3.84 27.79 1.50
N SER D 34 3.82 27.79 1.52
CA SER D 34 2.87 27.08 0.65
CA SER D 34 2.84 27.07 0.72
C SER D 34 1.46 27.57 0.97
C SER D 34 1.45 27.61 0.99
N GLY D 35 0.69 27.85 -0.09
CA GLY D 35 -0.63 28.42 0.04
C GLY D 35 -0.68 29.91 0.21
N TYR D 36 0.48 30.58 0.15
CA TYR D 36 0.60 32.03 0.23
C TYR D 36 1.11 32.58 -1.09
N ILE D 37 0.90 33.89 -1.30
CA ILE D 37 1.21 34.54 -2.56
C ILE D 37 1.69 35.95 -2.29
N SER D 38 2.56 36.46 -3.16
CA SER D 38 3.10 37.82 -2.97
C SER D 38 1.97 38.84 -2.94
N VAL D 39 2.07 39.80 -2.00
CA VAL D 39 1.05 40.82 -1.86
C VAL D 39 1.06 41.75 -3.08
N GLN D 40 2.25 42.10 -3.56
CA GLN D 40 2.35 43.01 -4.71
C GLN D 40 3.61 42.71 -5.52
N GLY D 41 3.76 41.46 -5.96
CA GLY D 41 4.81 41.05 -6.87
C GLY D 41 6.17 40.76 -6.26
N ASP D 42 6.33 40.86 -4.95
CA ASP D 42 7.61 40.65 -4.28
C ASP D 42 7.47 39.50 -3.29
N SER D 43 8.14 38.36 -3.56
CA SER D 43 7.91 37.17 -2.75
C SER D 43 8.50 37.29 -1.35
N ALA D 44 9.16 38.40 -1.02
CA ALA D 44 9.53 38.69 0.36
C ALA D 44 8.32 39.00 1.23
N TYR D 45 7.19 39.41 0.66
CA TYR D 45 6.00 39.79 1.43
C TYR D 45 4.79 39.09 0.84
N CYS D 46 4.22 38.13 1.58
CA CYS D 46 3.17 37.27 1.06
C CYS D 46 1.93 37.31 1.94
N GLU D 47 0.81 36.89 1.35
CA GLU D 47 -0.49 36.82 2.03
C GLU D 47 -1.17 35.50 1.70
N ASP D 48 -2.10 35.10 2.56
CA ASP D 48 -2.82 33.86 2.30
C ASP D 48 -3.61 33.98 1.00
N ILE D 49 -3.53 32.95 0.18
CA ILE D 49 -4.43 32.83 -0.96
C ILE D 49 -5.83 32.54 -0.42
N ASP D 50 -6.82 33.27 -0.92
CA ASP D 50 -8.22 33.05 -0.52
C ASP D 50 -8.86 32.18 -1.61
N GLU D 51 -8.82 30.86 -1.39
CA GLU D 51 -9.42 29.96 -2.36
C GLU D 51 -10.94 30.05 -2.39
N CYS D 52 -11.55 30.77 -1.44
CA CYS D 52 -12.99 30.92 -1.43
C CYS D 52 -13.47 32.25 -1.99
N ALA D 53 -12.56 33.11 -2.47
CA ALA D 53 -12.95 34.40 -3.00
C ALA D 53 -13.87 34.23 -4.21
N ALA D 54 -14.55 35.32 -4.57
CA ALA D 54 -15.46 35.28 -5.71
C ALA D 54 -14.73 34.86 -6.98
N LYS D 55 -15.43 34.12 -7.83
CA LYS D 55 -14.92 33.58 -9.09
C LYS D 55 -13.93 32.42 -8.89
N MET D 56 -13.60 32.06 -7.65
CA MET D 56 -12.75 30.91 -7.40
C MET D 56 -13.56 29.62 -7.50
N HIS D 57 -12.92 28.59 -8.02
CA HIS D 57 -13.55 27.29 -8.17
C HIS D 57 -12.63 26.18 -7.68
N TYR D 58 -12.02 26.37 -6.50
CA TYR D 58 -11.34 25.27 -5.85
C TYR D 58 -12.33 24.23 -5.35
N CYS D 59 -13.38 24.67 -4.67
CA CYS D 59 -14.44 23.79 -4.21
C CYS D 59 -15.49 23.62 -5.29
N HIS D 60 -16.07 22.41 -5.37
CA HIS D 60 -17.03 22.13 -6.43
C HIS D 60 -18.38 21.75 -5.84
N ALA D 61 -19.15 20.93 -6.56
CA ALA D 61 -20.58 20.77 -6.30
C ALA D 61 -20.88 20.41 -4.84
N ASN D 62 -21.85 21.13 -4.26
CA ASN D 62 -22.48 20.78 -2.99
C ASN D 62 -21.53 20.90 -1.81
N THR D 63 -20.63 21.88 -1.86
CA THR D 63 -19.73 22.16 -0.76
C THR D 63 -19.83 23.63 -0.35
N VAL D 64 -19.38 23.90 0.86
CA VAL D 64 -19.20 25.25 1.38
C VAL D 64 -17.70 25.44 1.56
N CYS D 65 -17.13 26.43 0.86
CA CYS D 65 -15.70 26.68 0.92
C CYS D 65 -15.32 27.39 2.22
N VAL D 66 -14.28 26.91 2.88
CA VAL D 66 -13.78 27.51 4.11
C VAL D 66 -12.31 27.87 3.86
N ASN D 67 -12.00 29.16 3.93
CA ASN D 67 -10.61 29.56 3.71
C ASN D 67 -9.80 29.35 4.98
N LEU D 68 -8.55 28.93 4.82
CA LEU D 68 -7.64 28.68 5.94
C LEU D 68 -6.28 29.28 5.62
N PRO D 69 -5.45 29.52 6.66
CA PRO D 69 -4.11 30.07 6.40
C PRO D 69 -3.19 29.04 5.77
N GLY D 70 -2.90 29.23 4.48
CA GLY D 70 -2.11 28.29 3.72
C GLY D 70 -2.90 27.17 3.10
N LEU D 71 -4.19 27.07 3.38
CA LEU D 71 -4.98 25.97 2.84
C LEU D 71 -6.41 26.45 2.62
N TYR D 72 -7.30 25.47 2.49
CA TYR D 72 -8.72 25.71 2.46
C TYR D 72 -9.36 24.35 2.67
N ARG D 73 -10.68 24.35 2.86
CA ARG D 73 -11.41 23.11 3.09
C ARG D 73 -12.73 23.23 2.36
N CYS D 74 -13.25 22.09 1.84
CA CYS D 74 -14.58 22.10 1.21
C CYS D 74 -15.53 21.25 2.06
N ASP D 75 -16.31 21.90 2.93
CA ASP D 75 -17.28 21.16 3.73
C ASP D 75 -18.49 20.79 2.88
N CYS D 76 -19.11 19.63 3.19
CA CYS D 76 -20.36 19.32 2.50
C CYS D 76 -21.46 20.27 2.94
N VAL D 77 -22.30 20.66 1.99
CA VAL D 77 -23.60 21.29 2.30
C VAL D 77 -24.28 20.41 3.33
N PRO D 78 -24.95 20.98 4.34
CA PRO D 78 -25.64 20.15 5.34
C PRO D 78 -26.54 19.11 4.70
N GLY D 79 -26.43 17.87 5.16
CA GLY D 79 -27.17 16.76 4.62
C GLY D 79 -26.49 16.01 3.49
N TYR D 80 -25.45 16.56 2.87
CA TYR D 80 -24.79 15.91 1.73
C TYR D 80 -23.64 15.03 2.22
N ILE D 81 -23.21 14.10 1.36
CA ILE D 81 -22.18 13.14 1.74
C ILE D 81 -21.00 13.27 0.77
N ARG D 82 -19.80 13.09 1.32
CA ARG D 82 -18.59 13.42 0.56
C ARG D 82 -18.35 12.44 -0.58
N VAL D 83 -17.97 12.98 -1.73
CA VAL D 83 -17.41 12.19 -2.83
C VAL D 83 -15.88 12.25 -2.83
N ASP D 84 -15.33 13.47 -2.78
CA ASP D 84 -13.89 13.68 -2.66
C ASP D 84 -13.68 15.00 -1.93
N ASP D 85 -12.42 15.44 -1.85
CA ASP D 85 -12.08 16.65 -1.09
C ASP D 85 -12.81 17.89 -1.61
N PHE D 86 -13.33 17.84 -2.82
CA PHE D 86 -13.84 19.02 -3.49
C PHE D 86 -15.34 18.94 -3.82
N SER D 87 -16.00 17.83 -3.55
CA SER D 87 -17.39 17.69 -3.99
C SER D 87 -18.13 16.71 -3.10
N CYS D 88 -19.45 16.95 -2.94
CA CYS D 88 -20.34 16.07 -2.20
C CYS D 88 -21.59 15.79 -3.04
N THR D 89 -22.42 14.87 -2.55
CA THR D 89 -23.57 14.38 -3.30
C THR D 89 -24.73 14.14 -2.34
N GLU D 90 -25.97 14.14 -2.88
CA GLU D 90 -27.15 14.21 -2.02
C GLU D 90 -27.36 12.93 -1.21
N HIS D 91 -27.06 11.76 -1.80
CA HIS D 91 -27.37 10.47 -1.18
C HIS D 91 -26.18 9.54 -1.33
N ASP D 92 -26.02 8.61 -0.37
CA ASP D 92 -25.07 7.50 -0.50
C ASP D 92 -25.78 6.36 -1.24
N GLU D 93 -25.86 6.49 -2.57
CA GLU D 93 -26.61 5.52 -3.36
C GLU D 93 -25.97 4.14 -3.31
N CYS D 94 -24.63 4.09 -3.27
CA CYS D 94 -23.97 2.79 -3.20
C CYS D 94 -24.27 2.08 -1.89
N GLY D 95 -24.28 2.82 -0.78
CA GLY D 95 -24.51 2.22 0.53
C GLY D 95 -25.96 1.94 0.86
N SER D 96 -26.89 2.39 0.03
CA SER D 96 -28.31 2.22 0.32
C SER D 96 -28.98 1.15 -0.53
N GLY D 97 -28.26 0.50 -1.45
CA GLY D 97 -28.91 -0.39 -2.39
C GLY D 97 -29.63 0.31 -3.52
N GLN D 98 -29.49 1.64 -3.64
CA GLN D 98 -30.05 2.38 -4.76
C GLN D 98 -29.18 2.20 -5.99
N HIS D 99 -28.87 0.95 -6.32
CA HIS D 99 -28.01 0.66 -7.46
C HIS D 99 -28.26 -0.76 -7.93
N ASN D 100 -27.91 -1.02 -9.18
CA ASN D 100 -27.96 -2.36 -9.75
C ASN D 100 -26.59 -2.73 -10.29
N CYS D 101 -25.53 -2.39 -9.55
CA CYS D 101 -24.19 -2.82 -9.94
C CYS D 101 -24.10 -4.35 -9.85
N ASP D 102 -23.43 -4.94 -10.84
CA ASP D 102 -23.12 -6.36 -10.82
C ASP D 102 -22.34 -6.75 -9.57
N GLU D 103 -22.44 -8.03 -9.20
CA GLU D 103 -21.82 -8.54 -7.99
C GLU D 103 -20.31 -8.29 -7.98
N ASN D 104 -19.69 -8.28 -9.16
CA ASN D 104 -18.26 -8.04 -9.29
C ASN D 104 -17.97 -6.66 -9.88
N ALA D 105 -18.91 -5.73 -9.79
CA ALA D 105 -18.66 -4.35 -10.16
C ALA D 105 -18.48 -3.52 -8.90
N ILE D 106 -17.61 -2.51 -9.01
CA ILE D 106 -17.35 -1.55 -7.95
C ILE D 106 -18.38 -0.43 -8.06
N CYS D 107 -19.03 -0.11 -6.95
CA CYS D 107 -19.95 1.01 -6.89
C CYS D 107 -19.25 2.23 -6.27
N THR D 108 -19.27 3.34 -6.99
CA THR D 108 -18.69 4.59 -6.52
CA THR D 108 -18.68 4.60 -6.54
C THR D 108 -19.73 5.70 -6.62
N ASN D 109 -19.97 6.39 -5.50
CA ASN D 109 -20.88 7.53 -5.52
C ASN D 109 -20.31 8.65 -6.39
N THR D 110 -21.20 9.36 -7.09
CA THR D 110 -20.81 10.55 -7.85
C THR D 110 -21.74 11.69 -7.49
N VAL D 111 -21.38 12.89 -7.96
CA VAL D 111 -22.26 14.05 -7.76
C VAL D 111 -23.63 13.79 -8.40
N GLN D 112 -23.66 13.13 -9.56
CA GLN D 112 -24.90 12.90 -10.30
C GLN D 112 -25.66 11.67 -9.79
N GLY D 113 -25.00 10.76 -9.07
CA GLY D 113 -25.64 9.54 -8.62
C GLY D 113 -24.60 8.52 -8.22
N HIS D 114 -24.30 7.58 -9.12
CA HIS D 114 -23.25 6.60 -8.86
C HIS D 114 -22.79 5.99 -10.18
N SER D 115 -21.63 5.35 -10.12
CA SER D 115 -21.10 4.57 -11.23
C SER D 115 -20.90 3.13 -10.80
N CYS D 116 -20.96 2.20 -11.77
CA CYS D 116 -20.63 0.79 -11.58
C CYS D 116 -19.52 0.43 -12.55
N THR D 117 -18.41 -0.07 -12.01
CA THR D 117 -17.25 -0.42 -12.83
C THR D 117 -16.85 -1.86 -12.58
N CYS D 118 -16.79 -2.66 -13.65
CA CYS D 118 -16.38 -4.05 -13.49
C CYS D 118 -14.95 -4.12 -12.95
N LYS D 119 -14.72 -5.02 -12.00
CA LYS D 119 -13.41 -5.14 -11.37
C LYS D 119 -12.42 -5.74 -12.37
N PRO D 120 -11.11 -5.64 -12.08
CA PRO D 120 -10.11 -6.13 -13.04
C PRO D 120 -10.29 -7.61 -13.35
N GLY D 121 -10.15 -7.94 -14.64
CA GLY D 121 -10.39 -9.28 -15.12
C GLY D 121 -11.79 -9.51 -15.63
N TYR D 122 -12.71 -8.58 -15.38
CA TYR D 122 -14.08 -8.69 -15.84
C TYR D 122 -14.36 -7.61 -16.86
N VAL D 123 -15.26 -7.91 -17.78
CA VAL D 123 -15.65 -6.98 -18.84
C VAL D 123 -17.16 -6.77 -18.75
N GLY D 124 -17.59 -5.58 -19.11
CA GLY D 124 -19.01 -5.27 -19.11
C GLY D 124 -19.23 -3.80 -18.79
N ASN D 125 -20.50 -3.45 -18.68
CA ASN D 125 -20.88 -2.06 -18.42
C ASN D 125 -21.19 -1.79 -16.96
N GLY D 126 -20.83 -2.70 -16.06
CA GLY D 126 -20.99 -2.48 -14.64
C GLY D 126 -22.32 -2.94 -14.08
N THR D 127 -23.38 -2.85 -14.88
CA THR D 127 -24.64 -3.51 -14.52
C THR D 127 -24.50 -5.01 -14.64
N ILE D 128 -23.73 -5.47 -15.62
CA ILE D 128 -23.38 -6.88 -15.77
C ILE D 128 -21.89 -6.96 -16.05
N CYS D 129 -21.23 -7.96 -15.45
CA CYS D 129 -19.81 -8.21 -15.63
C CYS D 129 -19.60 -9.69 -15.90
N ARG D 130 -18.73 -10.00 -16.85
CA ARG D 130 -18.37 -11.37 -17.17
C ARG D 130 -16.86 -11.51 -17.15
N ALA D 131 -16.38 -12.63 -16.61
CA ALA D 131 -14.95 -12.88 -16.55
C ALA D 131 -14.35 -12.93 -17.95
N GLU D 132 -13.20 -12.29 -18.10
CA GLU D 132 -12.50 -12.23 -19.38
C GLU D 132 -11.97 -13.61 -19.77
N SER E 7 -7.52 -23.67 -30.02
CA SER E 7 -7.09 -23.89 -28.64
C SER E 7 -5.57 -23.87 -28.52
N SER E 8 -4.97 -22.75 -28.87
CA SER E 8 -3.52 -22.57 -28.87
C SER E 8 -3.12 -21.46 -27.92
N PRO E 9 -1.88 -21.47 -27.45
CA PRO E 9 -1.36 -20.34 -26.65
C PRO E 9 -1.14 -19.12 -27.52
N PRO E 10 -0.92 -17.95 -26.92
CA PRO E 10 -0.59 -16.77 -27.73
C PRO E 10 0.73 -16.93 -28.46
N GLY E 11 0.94 -16.08 -29.45
CA GLY E 11 2.23 -16.01 -30.09
C GLY E 11 3.26 -15.38 -29.18
N ALA E 12 4.54 -15.63 -29.50
CA ALA E 12 5.63 -15.12 -28.70
C ALA E 12 5.74 -13.59 -28.83
N PRO E 13 6.02 -12.89 -27.74
CA PRO E 13 6.21 -11.43 -27.80
C PRO E 13 7.49 -11.04 -28.53
N SER E 14 7.64 -9.74 -28.77
CA SER E 14 8.84 -9.22 -29.41
C SER E 14 10.01 -9.21 -28.44
N GLN E 15 11.21 -8.97 -28.97
CA GLN E 15 12.40 -8.90 -28.13
C GLN E 15 12.22 -7.81 -27.07
N PRO E 16 12.42 -8.12 -25.79
CA PRO E 16 12.36 -7.05 -24.78
C PRO E 16 13.53 -6.08 -24.90
N VAL E 17 13.23 -4.80 -24.65
CA VAL E 17 14.18 -3.71 -24.74
C VAL E 17 14.36 -3.12 -23.35
N VAL E 18 15.61 -2.93 -22.94
CA VAL E 18 15.91 -2.31 -21.65
C VAL E 18 15.76 -0.80 -21.78
N THR E 19 14.93 -0.19 -20.93
CA THR E 19 14.64 1.24 -20.99
C THR E 19 15.23 2.04 -19.85
N GLU E 20 15.61 1.40 -18.75
CA GLU E 20 16.22 2.08 -17.62
C GLU E 20 17.03 1.06 -16.83
N ILE E 21 18.15 1.51 -16.26
CA ILE E 21 19.04 0.66 -15.47
C ILE E 21 19.37 1.36 -14.16
N THR E 22 19.34 0.60 -13.06
CA THR E 22 19.90 1.05 -11.79
C THR E 22 20.89 0.00 -11.31
N LYS E 23 21.34 0.08 -10.06
CA LYS E 23 22.29 -0.94 -9.63
C LYS E 23 21.61 -2.22 -9.16
N ASN E 24 20.30 -2.20 -8.95
CA ASN E 24 19.58 -3.38 -8.50
C ASN E 24 18.32 -3.66 -9.30
N SER E 25 18.12 -2.99 -10.44
CA SER E 25 16.87 -3.15 -11.17
C SER E 25 17.09 -2.81 -12.63
N ILE E 26 16.24 -3.39 -13.48
CA ILE E 26 16.24 -3.15 -14.91
C ILE E 26 14.79 -3.02 -15.35
N THR E 27 14.49 -2.01 -16.17
CA THR E 27 13.15 -1.82 -16.69
C THR E 27 13.12 -2.31 -18.13
N LEU E 28 12.10 -3.13 -18.46
CA LEU E 28 11.96 -3.76 -19.75
C LEU E 28 10.64 -3.37 -20.40
N THR E 29 10.63 -3.35 -21.72
CA THR E 29 9.40 -3.13 -22.49
C THR E 29 9.40 -4.08 -23.68
N TRP E 30 8.21 -4.46 -24.13
CA TRP E 30 8.04 -5.40 -25.23
C TRP E 30 6.67 -5.16 -25.86
N LYS E 31 6.38 -5.92 -26.90
CA LYS E 31 5.10 -5.82 -27.60
C LYS E 31 4.52 -7.22 -27.76
N PRO E 32 3.19 -7.32 -27.79
CA PRO E 32 2.57 -8.62 -28.09
C PRO E 32 2.81 -9.01 -29.54
N ASN E 33 2.74 -10.31 -29.79
CA ASN E 33 2.84 -10.79 -31.16
C ASN E 33 1.75 -10.14 -32.01
N PRO E 34 2.11 -9.52 -33.14
CA PRO E 34 1.08 -8.87 -33.96
C PRO E 34 0.20 -9.83 -34.73
N GLN E 35 0.66 -11.04 -35.04
CA GLN E 35 -0.16 -11.97 -35.83
CA GLN E 35 -0.16 -11.96 -35.82
C GLN E 35 -1.42 -12.34 -35.05
N THR E 36 -2.53 -12.43 -35.78
CA THR E 36 -3.81 -12.77 -35.16
C THR E 36 -3.73 -14.14 -34.50
N GLY E 37 -4.15 -14.21 -33.24
CA GLY E 37 -4.02 -15.43 -32.48
C GLY E 37 -4.72 -15.32 -31.15
N ALA E 38 -4.34 -16.21 -30.23
CA ALA E 38 -5.00 -16.27 -28.94
C ALA E 38 -4.76 -14.99 -28.14
N ALA E 39 -5.75 -14.62 -27.33
CA ALA E 39 -5.68 -13.40 -26.55
C ALA E 39 -4.68 -13.56 -25.41
N VAL E 40 -3.94 -12.48 -25.11
CA VAL E 40 -2.95 -12.48 -24.05
C VAL E 40 -3.61 -12.03 -22.76
N THR E 41 -3.48 -12.83 -21.70
CA THR E 41 -4.03 -12.39 -20.43
C THR E 41 -2.98 -11.85 -19.45
N SER E 42 -1.71 -12.22 -19.62
CA SER E 42 -0.61 -11.66 -18.82
C SER E 42 0.71 -12.08 -19.46
N TYR E 43 1.81 -11.64 -18.86
CA TYR E 43 3.16 -11.98 -19.32
C TYR E 43 4.00 -12.58 -18.20
N VAL E 44 4.97 -13.40 -18.58
CA VAL E 44 5.95 -13.98 -17.69
C VAL E 44 7.33 -13.51 -18.15
N ILE E 45 8.18 -13.11 -17.21
CA ILE E 45 9.51 -12.60 -17.51
C ILE E 45 10.54 -13.55 -16.92
N GLU E 46 11.54 -13.92 -17.74
CA GLU E 46 12.62 -14.81 -17.33
C GLU E 46 13.95 -14.09 -17.51
N ALA E 47 14.85 -14.33 -16.57
CA ALA E 47 16.14 -13.67 -16.52
C ALA E 47 17.25 -14.71 -16.54
N PHE E 48 18.35 -14.37 -17.21
CA PHE E 48 19.55 -15.21 -17.25
C PHE E 48 20.75 -14.36 -16.87
N SER E 49 21.66 -14.95 -16.11
CA SER E 49 22.95 -14.30 -15.84
C SER E 49 24.03 -15.38 -15.90
N PRO E 50 25.12 -15.15 -16.63
CA PRO E 50 26.21 -16.14 -16.65
C PRO E 50 26.81 -16.37 -15.28
N ALA E 51 26.53 -15.51 -14.31
CA ALA E 51 27.09 -15.66 -12.98
C ALA E 51 26.09 -16.20 -11.97
N ALA E 52 24.87 -16.60 -12.40
CA ALA E 52 23.81 -16.99 -11.49
C ALA E 52 23.21 -18.36 -11.81
N GLY E 53 23.97 -19.26 -12.44
CA GLY E 53 23.42 -20.55 -12.77
C GLY E 53 23.06 -20.68 -14.24
N ASN E 54 22.95 -21.93 -14.71
CA ASN E 54 22.79 -22.16 -16.15
C ASN E 54 21.33 -22.32 -16.58
N THR E 55 20.36 -21.97 -15.73
CA THR E 55 18.96 -21.94 -16.12
C THR E 55 18.41 -20.51 -16.06
N TRP E 56 17.32 -20.30 -16.79
CA TRP E 56 16.57 -19.05 -16.67
C TRP E 56 15.70 -19.08 -15.42
N ARG E 57 15.73 -17.99 -14.66
CA ARG E 57 14.88 -17.84 -13.50
C ARG E 57 13.65 -17.03 -13.88
N THR E 58 12.46 -17.53 -13.50
CA THR E 58 11.22 -16.75 -13.63
C THR E 58 11.22 -15.62 -12.61
N VAL E 59 11.31 -14.37 -13.06
CA VAL E 59 11.45 -13.25 -12.14
C VAL E 59 10.16 -12.43 -12.01
N ALA E 60 9.19 -12.58 -12.92
CA ALA E 60 7.91 -11.92 -12.75
C ALA E 60 6.83 -12.72 -13.48
N ASP E 61 5.63 -12.73 -12.93
CA ASP E 61 4.48 -13.31 -13.64
C ASP E 61 3.24 -12.51 -13.30
N GLY E 62 2.14 -12.84 -13.99
CA GLY E 62 0.93 -12.05 -13.88
C GLY E 62 1.12 -10.61 -14.26
N VAL E 63 2.10 -10.30 -15.10
CA VAL E 63 2.36 -8.92 -15.52
C VAL E 63 1.29 -8.47 -16.51
N GLN E 64 0.55 -7.42 -16.15
CA GLN E 64 -0.58 -7.02 -16.98
C GLN E 64 -0.22 -6.05 -18.07
N LEU E 65 0.84 -5.27 -17.89
CA LEU E 65 1.27 -4.26 -18.84
C LEU E 65 2.38 -4.80 -19.74
N GLU E 66 2.81 -3.96 -20.69
CA GLU E 66 3.91 -4.29 -21.59
C GLU E 66 5.22 -3.63 -21.17
N THR E 67 5.25 -3.09 -19.95
CA THR E 67 6.44 -2.55 -19.32
C THR E 67 6.46 -3.05 -17.88
N HIS E 68 7.64 -3.41 -17.37
CA HIS E 68 7.75 -3.88 -16.01
C HIS E 68 9.19 -3.74 -15.56
N THR E 69 9.38 -3.48 -14.27
CA THR E 69 10.72 -3.36 -13.68
C THR E 69 11.06 -4.63 -12.90
N VAL E 70 12.19 -5.25 -13.24
CA VAL E 70 12.73 -6.37 -12.48
C VAL E 70 13.72 -5.80 -11.47
N SER E 71 13.40 -5.93 -10.17
CA SER E 71 14.27 -5.43 -9.13
C SER E 71 14.91 -6.61 -8.40
N GLY E 72 15.63 -6.33 -7.32
CA GLY E 72 16.29 -7.39 -6.60
C GLY E 72 17.48 -8.00 -7.32
N LEU E 73 18.11 -7.26 -8.23
CA LEU E 73 19.24 -7.76 -8.99
C LEU E 73 20.56 -7.34 -8.32
N GLN E 74 21.69 -7.97 -8.79
CA GLN E 74 23.00 -7.65 -8.23
C GLN E 74 23.67 -6.51 -9.01
N PRO E 75 24.43 -5.66 -8.33
CA PRO E 75 25.15 -4.59 -9.02
C PRO E 75 26.22 -5.13 -9.94
N ASN E 76 26.51 -4.36 -11.00
CA ASN E 76 27.63 -4.65 -11.89
C ASN E 76 27.58 -6.08 -12.45
N THR E 77 26.37 -6.53 -12.81
CA THR E 77 26.13 -7.92 -13.21
C THR E 77 25.42 -7.99 -14.56
N ILE E 78 25.81 -8.96 -15.37
CA ILE E 78 25.25 -9.17 -16.70
C ILE E 78 23.92 -9.91 -16.59
N TYR E 79 22.90 -9.38 -17.25
CA TYR E 79 21.58 -9.98 -17.29
C TYR E 79 21.07 -10.05 -18.71
N LEU E 80 20.36 -11.14 -19.04
CA LEU E 80 19.58 -11.23 -20.26
C LEU E 80 18.14 -11.57 -19.89
N PHE E 81 17.19 -11.22 -20.75
CA PHE E 81 15.78 -11.35 -20.41
C PHE E 81 15.01 -11.89 -21.60
N LEU E 82 13.96 -12.65 -21.30
CA LEU E 82 12.99 -13.02 -22.31
C LEU E 82 11.61 -12.96 -21.68
N VAL E 83 10.59 -12.89 -22.55
CA VAL E 83 9.20 -12.76 -22.13
C VAL E 83 8.37 -13.85 -22.80
N ARG E 84 7.44 -14.43 -22.05
CA ARG E 84 6.40 -15.31 -22.58
C ARG E 84 5.04 -14.67 -22.35
N ALA E 85 4.15 -14.85 -23.32
CA ALA E 85 2.76 -14.44 -23.19
C ALA E 85 1.92 -15.57 -22.63
N VAL E 86 0.98 -15.23 -21.74
CA VAL E 86 0.10 -16.21 -21.12
C VAL E 86 -1.31 -16.03 -21.67
N GLY E 87 -1.99 -17.14 -21.94
CA GLY E 87 -3.35 -17.13 -22.42
C GLY E 87 -4.15 -18.28 -21.85
N ALA E 88 -5.37 -18.48 -22.36
CA ALA E 88 -6.28 -19.47 -21.80
C ALA E 88 -5.71 -20.88 -21.84
N TRP E 89 -4.87 -21.18 -22.84
CA TRP E 89 -4.38 -22.53 -23.07
C TRP E 89 -2.89 -22.69 -22.78
N GLY E 90 -2.29 -21.73 -22.07
CA GLY E 90 -0.91 -21.89 -21.63
C GLY E 90 -0.03 -20.75 -22.09
N LEU E 91 1.26 -21.06 -22.25
CA LEU E 91 2.31 -20.08 -22.47
C LEU E 91 2.79 -20.09 -23.92
N SER E 92 3.09 -18.90 -24.42
CA SER E 92 3.78 -18.80 -25.71
C SER E 92 5.19 -19.37 -25.60
N GLU E 93 5.77 -19.67 -26.78
CA GLU E 93 7.21 -19.86 -26.85
C GLU E 93 7.92 -18.56 -26.45
N PRO E 94 9.20 -18.65 -26.11
CA PRO E 94 9.91 -17.45 -25.64
C PRO E 94 10.06 -16.40 -26.74
N SER E 95 9.98 -15.14 -26.34
CA SER E 95 10.42 -14.03 -27.18
C SER E 95 11.89 -14.20 -27.53
N PRO E 96 12.39 -13.47 -28.54
CA PRO E 96 13.83 -13.32 -28.67
C PRO E 96 14.42 -12.77 -27.38
N VAL E 97 15.68 -13.08 -27.13
CA VAL E 97 16.36 -12.64 -25.91
C VAL E 97 16.78 -11.18 -26.08
N SER E 98 16.72 -10.42 -24.99
CA SER E 98 17.18 -9.04 -24.99
C SER E 98 18.70 -8.97 -25.20
N GLU E 99 19.15 -7.83 -25.71
CA GLU E 99 20.58 -7.56 -25.72
C GLU E 99 21.11 -7.57 -24.29
N PRO E 100 22.25 -8.19 -24.03
CA PRO E 100 22.75 -8.26 -22.66
C PRO E 100 23.06 -6.87 -22.14
N VAL E 101 22.83 -6.66 -20.84
CA VAL E 101 23.16 -5.41 -20.19
C VAL E 101 23.79 -5.73 -18.83
N ARG E 102 24.48 -4.75 -18.30
CA ARG E 102 25.03 -4.83 -16.95
C ARG E 102 24.29 -3.82 -16.08
N THR E 103 23.87 -4.27 -14.89
CA THR E 103 23.39 -3.32 -13.90
C THR E 103 24.51 -2.36 -13.52
N GLN E 104 24.12 -1.17 -13.02
CA GLN E 104 25.12 -0.19 -12.62
C GLN E 104 25.92 -0.72 -11.44
N ASP E 105 27.12 -0.17 -11.27
CA ASP E 105 28.00 -0.57 -10.19
C ASP E 105 27.56 0.09 -8.88
N SER E 106 27.97 -0.50 -7.76
CA SER E 106 27.53 -0.01 -6.45
C SER E 106 28.47 1.05 -5.85
N ARG F 4 -12.58 1.42 10.88
CA ARG F 4 -12.65 0.63 9.65
C ARG F 4 -14.09 0.55 9.15
N GLY F 5 -14.30 -0.11 8.01
CA GLY F 5 -15.63 -0.30 7.48
C GLY F 5 -16.30 -1.54 8.05
N HIS F 6 -17.54 -1.75 7.62
CA HIS F 6 -18.33 -2.88 8.09
C HIS F 6 -17.76 -4.20 7.58
N ASN F 7 -17.75 -5.23 8.44
CA ASN F 7 -17.20 -6.53 8.07
C ASN F 7 -18.32 -7.35 7.46
N PHE F 8 -18.53 -7.19 6.15
CA PHE F 8 -19.53 -7.99 5.47
C PHE F 8 -19.15 -9.46 5.45
N CYS F 9 -17.85 -9.76 5.40
CA CYS F 9 -17.43 -11.16 5.36
C CYS F 9 -17.82 -11.91 6.64
N ALA F 10 -17.89 -11.21 7.78
CA ALA F 10 -18.16 -11.89 9.04
C ALA F 10 -19.64 -12.19 9.28
N GLU F 11 -20.54 -11.74 8.41
CA GLU F 11 -21.96 -11.91 8.66
C GLU F 11 -22.41 -13.35 8.50
N GLY F 12 -21.62 -14.17 7.82
CA GLY F 12 -21.95 -15.56 7.61
C GLY F 12 -21.17 -16.10 6.43
N PRO F 13 -21.31 -17.38 6.17
CA PRO F 13 -20.58 -17.97 5.04
C PRO F 13 -20.97 -17.33 3.72
N LYS F 14 -19.99 -17.15 2.84
CA LYS F 14 -20.27 -16.58 1.53
C LYS F 14 -19.47 -17.28 0.45
N CYS F 15 -18.15 -17.29 0.61
CA CYS F 15 -17.28 -17.89 -0.38
C CYS F 15 -16.95 -19.33 -0.03
N GLY F 16 -16.73 -20.15 -1.05
CA GLY F 16 -16.43 -21.55 -0.88
C GLY F 16 -14.97 -21.83 -0.56
N GLU F 17 -14.62 -23.12 -0.62
CA GLU F 17 -13.37 -23.62 -0.07
C GLU F 17 -12.14 -23.01 -0.76
N ASN F 18 -12.20 -22.82 -2.07
CA ASN F 18 -11.04 -22.35 -2.82
C ASN F 18 -11.18 -20.88 -3.20
N SER F 19 -11.93 -20.13 -2.40
CA SER F 19 -12.29 -18.75 -2.67
C SER F 19 -11.98 -17.92 -1.44
N GLU F 20 -11.76 -16.62 -1.65
CA GLU F 20 -11.38 -15.69 -0.59
C GLU F 20 -12.39 -14.56 -0.51
N CYS F 21 -12.87 -14.28 0.70
CA CYS F 21 -13.82 -13.21 0.94
C CYS F 21 -13.06 -11.92 1.20
N LYS F 22 -13.46 -10.86 0.48
CA LYS F 22 -12.88 -9.52 0.59
C LYS F 22 -13.99 -8.54 0.95
N ASN F 23 -13.72 -7.66 1.91
CA ASN F 23 -14.66 -6.62 2.31
C ASN F 23 -14.51 -5.40 1.40
N TRP F 24 -15.57 -5.05 0.69
CA TRP F 24 -15.63 -3.78 -0.02
C TRP F 24 -16.49 -2.80 0.78
N ASN F 25 -16.64 -1.58 0.24
CA ASN F 25 -17.36 -0.53 0.97
C ASN F 25 -18.79 -0.92 1.30
N THR F 26 -19.47 -1.60 0.38
CA THR F 26 -20.90 -1.85 0.53
C THR F 26 -21.29 -3.31 0.55
N LYS F 27 -20.34 -4.23 0.37
CA LYS F 27 -20.67 -5.63 0.20
C LYS F 27 -19.40 -6.47 0.34
N ALA F 28 -19.60 -7.76 0.55
CA ALA F 28 -18.52 -8.72 0.42
C ALA F 28 -18.42 -9.16 -1.03
N THR F 29 -17.21 -9.51 -1.44
CA THR F 29 -16.99 -10.11 -2.75
C THR F 29 -16.10 -11.32 -2.56
N CYS F 30 -16.20 -12.27 -3.48
CA CYS F 30 -15.39 -13.48 -3.48
C CYS F 30 -14.45 -13.47 -4.68
N GLU F 31 -13.20 -13.88 -4.46
CA GLU F 31 -12.22 -14.05 -5.52
C GLU F 31 -11.57 -15.43 -5.40
N CYS F 32 -11.41 -16.12 -6.52
CA CYS F 32 -10.75 -17.41 -6.46
C CYS F 32 -9.31 -17.24 -5.96
N LYS F 33 -8.84 -18.22 -5.19
CA LYS F 33 -7.42 -18.23 -4.84
C LYS F 33 -6.58 -18.34 -6.11
N SER F 34 -5.33 -17.88 -6.02
N SER F 34 -5.32 -17.91 -5.99
CA SER F 34 -4.47 -17.90 -7.19
CA SER F 34 -4.42 -17.95 -7.14
C SER F 34 -4.30 -19.33 -7.68
C SER F 34 -4.32 -19.37 -7.67
N GLY F 35 -4.43 -19.52 -9.00
CA GLY F 35 -4.35 -20.83 -9.60
C GLY F 35 -5.66 -21.60 -9.58
N TYR F 36 -6.73 -21.01 -9.07
CA TYR F 36 -8.04 -21.63 -9.10
C TYR F 36 -8.95 -20.82 -10.02
N ILE F 37 -10.04 -21.44 -10.43
CA ILE F 37 -10.96 -20.85 -11.40
C ILE F 37 -12.37 -21.25 -11.02
N SER F 38 -13.33 -20.38 -11.33
CA SER F 38 -14.73 -20.65 -10.98
C SER F 38 -15.20 -21.96 -11.60
N VAL F 39 -15.96 -22.72 -10.82
CA VAL F 39 -16.48 -24.00 -11.30
C VAL F 39 -17.51 -23.80 -12.40
N GLN F 40 -18.39 -22.81 -12.23
CA GLN F 40 -19.43 -22.55 -13.21
C GLN F 40 -19.80 -21.07 -13.22
N GLY F 41 -18.80 -20.21 -13.43
CA GLY F 41 -19.00 -18.78 -13.61
C GLY F 41 -19.17 -17.96 -12.35
N ASP F 42 -19.10 -18.55 -11.16
CA ASP F 42 -19.33 -17.84 -9.91
C ASP F 42 -18.07 -17.95 -9.05
N SER F 43 -17.38 -16.83 -8.84
CA SER F 43 -16.08 -16.88 -8.17
C SER F 43 -16.19 -17.18 -6.66
N ALA F 44 -17.40 -17.34 -6.12
CA ALA F 44 -17.57 -17.90 -4.78
C ALA F 44 -17.21 -19.39 -4.71
N TYR F 45 -17.23 -20.11 -5.83
CA TYR F 45 -16.99 -21.55 -5.86
C TYR F 45 -15.96 -21.83 -6.94
N CYS F 46 -14.76 -22.23 -6.53
CA CYS F 46 -13.64 -22.39 -7.45
C CYS F 46 -13.03 -23.80 -7.36
N GLU F 47 -12.30 -24.16 -8.42
CA GLU F 47 -11.58 -25.42 -8.51
C GLU F 47 -10.19 -25.16 -9.08
N ASP F 48 -9.27 -26.08 -8.83
CA ASP F 48 -7.91 -25.93 -9.33
C ASP F 48 -7.89 -25.92 -10.86
N ILE F 49 -7.14 -24.99 -11.44
CA ILE F 49 -6.84 -25.05 -12.86
C ILE F 49 -5.94 -26.25 -13.11
N ASP F 50 -6.28 -27.06 -14.11
CA ASP F 50 -5.46 -28.20 -14.46
C ASP F 50 -4.59 -27.78 -15.65
N GLU F 51 -3.39 -27.27 -15.35
CA GLU F 51 -2.49 -26.83 -16.40
C GLU F 51 -1.95 -27.98 -17.24
N CYS F 52 -2.16 -29.24 -16.83
CA CYS F 52 -1.70 -30.39 -17.59
C CYS F 52 -2.83 -31.05 -18.39
N ALA F 53 -4.02 -30.48 -18.38
CA ALA F 53 -5.12 -31.08 -19.12
C ALA F 53 -4.83 -31.10 -20.61
N ALA F 54 -5.59 -31.92 -21.34
CA ALA F 54 -5.39 -32.01 -22.78
C ALA F 54 -5.55 -30.63 -23.43
N LYS F 55 -4.75 -30.39 -24.47
CA LYS F 55 -4.71 -29.14 -25.22
C LYS F 55 -4.04 -28.00 -24.45
N MET F 56 -3.62 -28.20 -23.20
CA MET F 56 -2.89 -27.18 -22.47
C MET F 56 -1.42 -27.16 -22.89
N HIS F 57 -0.83 -25.97 -22.90
CA HIS F 57 0.57 -25.82 -23.26
C HIS F 57 1.28 -24.92 -22.26
N TYR F 58 1.07 -25.15 -20.96
CA TYR F 58 1.90 -24.48 -19.97
C TYR F 58 3.31 -25.05 -19.99
N CYS F 59 3.45 -26.36 -19.98
CA CYS F 59 4.76 -26.97 -20.07
C CYS F 59 5.16 -27.11 -21.54
N HIS F 60 6.47 -27.00 -21.80
CA HIS F 60 6.94 -27.06 -23.17
C HIS F 60 7.94 -28.20 -23.36
N ALA F 61 8.86 -28.04 -24.32
CA ALA F 61 9.62 -29.17 -24.85
C ALA F 61 10.32 -29.97 -23.76
N ASN F 62 10.18 -31.31 -23.83
CA ASN F 62 10.99 -32.27 -23.09
C ASN F 62 10.71 -32.19 -21.59
N THR F 63 9.44 -31.94 -21.24
CA THR F 63 9.00 -31.93 -19.84
C THR F 63 7.80 -32.86 -19.68
N VAL F 64 7.56 -33.24 -18.44
CA VAL F 64 6.36 -33.96 -18.01
C VAL F 64 5.59 -33.02 -17.10
N CYS F 65 4.37 -32.69 -17.48
CA CYS F 65 3.57 -31.75 -16.68
C CYS F 65 3.00 -32.43 -15.44
N VAL F 66 3.13 -31.79 -14.29
CA VAL F 66 2.61 -32.28 -13.03
C VAL F 66 1.64 -31.24 -12.49
N ASN F 67 0.36 -31.61 -12.35
CA ASN F 67 -0.61 -30.64 -11.85
C ASN F 67 -0.54 -30.55 -10.32
N LEU F 68 -0.73 -29.34 -9.79
CA LEU F 68 -0.69 -29.09 -8.36
C LEU F 68 -1.86 -28.19 -7.97
N PRO F 69 -2.25 -28.20 -6.68
CA PRO F 69 -3.34 -27.31 -6.25
C PRO F 69 -2.90 -25.85 -6.20
N GLY F 70 -3.42 -25.06 -7.14
CA GLY F 70 -3.03 -23.67 -7.28
C GLY F 70 -1.82 -23.43 -8.16
N LEU F 71 -1.13 -24.48 -8.60
CA LEU F 71 -0.03 -24.30 -9.54
C LEU F 71 0.16 -25.60 -10.32
N TYR F 72 1.37 -25.78 -10.84
CA TYR F 72 1.80 -26.95 -11.58
C TYR F 72 3.32 -26.94 -11.60
N ARG F 73 3.91 -28.00 -12.14
CA ARG F 73 5.36 -28.12 -12.26
C ARG F 73 5.68 -28.81 -13.58
N CYS F 74 6.80 -28.43 -14.20
CA CYS F 74 7.25 -29.07 -15.44
C CYS F 74 8.56 -29.81 -15.13
N ASP F 75 8.48 -31.12 -14.88
CA ASP F 75 9.68 -31.93 -14.65
C ASP F 75 10.34 -32.26 -15.98
N CYS F 76 11.68 -32.36 -15.97
CA CYS F 76 12.35 -32.77 -17.19
C CYS F 76 12.04 -34.24 -17.49
N VAL F 77 11.86 -34.56 -18.77
CA VAL F 77 11.88 -35.96 -19.23
C VAL F 77 13.12 -36.63 -18.66
N PRO F 78 13.05 -37.88 -18.21
CA PRO F 78 14.23 -38.55 -17.63
C PRO F 78 15.43 -38.45 -18.56
N GLY F 79 16.57 -38.06 -17.99
CA GLY F 79 17.79 -37.85 -18.75
C GLY F 79 18.01 -36.44 -19.28
N TYR F 80 16.99 -35.59 -19.32
CA TYR F 80 17.12 -34.25 -19.87
C TYR F 80 17.51 -33.24 -18.78
N ILE F 81 18.04 -32.09 -19.20
CA ILE F 81 18.55 -31.10 -18.27
C ILE F 81 17.79 -29.78 -18.49
N ARG F 82 17.54 -29.09 -17.39
CA ARG F 82 16.62 -27.96 -17.41
C ARG F 82 17.19 -26.77 -18.17
N VAL F 83 16.34 -26.13 -18.99
CA VAL F 83 16.64 -24.82 -19.58
C VAL F 83 15.95 -23.71 -18.78
N ASP F 84 14.64 -23.83 -18.56
CA ASP F 84 13.90 -22.90 -17.73
C ASP F 84 12.74 -23.66 -17.08
N ASP F 85 11.86 -22.95 -16.36
CA ASP F 85 10.79 -23.64 -15.64
C ASP F 85 9.90 -24.46 -16.56
N PHE F 86 9.91 -24.21 -17.85
CA PHE F 86 8.95 -24.78 -18.79
C PHE F 86 9.58 -25.70 -19.83
N SER F 87 10.89 -25.88 -19.86
CA SER F 87 11.49 -26.63 -20.96
C SER F 87 12.83 -27.20 -20.53
N CYS F 88 13.17 -28.36 -21.09
CA CYS F 88 14.46 -29.01 -20.88
C CYS F 88 15.06 -29.39 -22.21
N THR F 89 16.31 -29.86 -22.16
CA THR F 89 17.09 -30.14 -23.37
C THR F 89 17.94 -31.39 -23.16
N GLU F 90 18.33 -32.03 -24.27
CA GLU F 90 18.93 -33.36 -24.17
C GLU F 90 20.32 -33.31 -23.51
N HIS F 91 21.10 -32.26 -23.79
CA HIS F 91 22.48 -32.21 -23.33
C HIS F 91 22.79 -30.86 -22.72
N ASP F 92 23.72 -30.86 -21.75
CA ASP F 92 24.33 -29.62 -21.24
C ASP F 92 25.50 -29.27 -22.15
N GLU F 93 25.19 -28.72 -23.32
CA GLU F 93 26.22 -28.51 -24.33
C GLU F 93 27.24 -27.46 -23.87
N CYS F 94 26.78 -26.44 -23.15
CA CYS F 94 27.70 -25.42 -22.66
C CYS F 94 28.68 -25.99 -21.65
N GLY F 95 28.21 -26.87 -20.76
CA GLY F 95 29.11 -27.42 -19.76
C GLY F 95 30.00 -28.55 -20.23
N SER F 96 29.80 -29.01 -21.46
CA SER F 96 30.52 -30.17 -21.98
C SER F 96 31.64 -29.79 -22.94
N GLY F 97 31.82 -28.50 -23.20
CA GLY F 97 32.73 -28.11 -24.25
C GLY F 97 32.19 -28.35 -25.64
N GLN F 98 30.93 -28.79 -25.76
CA GLN F 98 30.30 -28.99 -27.05
C GLN F 98 29.90 -27.65 -27.66
N HIS F 99 30.84 -26.70 -27.68
CA HIS F 99 30.55 -25.36 -28.17
C HIS F 99 31.84 -24.68 -28.56
N ASN F 100 31.72 -23.68 -29.42
CA ASN F 100 32.82 -22.83 -29.81
C ASN F 100 32.50 -21.37 -29.52
N CYS F 101 31.89 -21.10 -28.36
CA CYS F 101 31.65 -19.73 -27.96
C CYS F 101 32.97 -19.00 -27.73
N ASP F 102 33.03 -17.76 -28.21
CA ASP F 102 34.17 -16.89 -27.94
C ASP F 102 34.44 -16.78 -26.44
N GLU F 103 35.70 -16.49 -26.10
CA GLU F 103 36.13 -16.41 -24.71
C GLU F 103 35.29 -15.41 -23.92
N ASN F 104 34.80 -14.37 -24.57
CA ASN F 104 33.97 -13.34 -23.93
C ASN F 104 32.51 -13.40 -24.38
N ALA F 105 32.07 -14.55 -24.90
CA ALA F 105 30.67 -14.75 -25.19
C ALA F 105 30.04 -15.65 -24.12
N ILE F 106 28.77 -15.39 -23.85
CA ILE F 106 27.99 -16.15 -22.89
C ILE F 106 27.40 -17.36 -23.58
N CYS F 107 27.58 -18.54 -23.00
CA CYS F 107 26.98 -19.75 -23.52
C CYS F 107 25.71 -20.06 -22.74
N THR F 108 24.60 -20.22 -23.44
CA THR F 108 23.33 -20.59 -22.83
CA THR F 108 23.31 -20.57 -22.84
C THR F 108 22.73 -21.79 -23.55
N ASN F 109 22.40 -22.83 -22.80
CA ASN F 109 21.76 -24.00 -23.38
C ASN F 109 20.37 -23.64 -23.89
N THR F 110 19.97 -24.24 -24.99
CA THR F 110 18.62 -24.09 -25.51
C THR F 110 18.02 -25.47 -25.77
N VAL F 111 16.73 -25.50 -26.09
CA VAL F 111 16.10 -26.76 -26.50
C VAL F 111 16.80 -27.32 -27.73
N GLN F 112 17.19 -26.47 -28.68
CA GLN F 112 17.80 -26.94 -29.91
C GLN F 112 19.29 -27.22 -29.76
N GLY F 113 19.94 -26.67 -28.74
CA GLY F 113 21.37 -26.84 -28.58
C GLY F 113 21.93 -25.80 -27.64
N HIS F 114 22.52 -24.74 -28.18
CA HIS F 114 22.99 -23.66 -27.32
C HIS F 114 23.14 -22.40 -28.16
N SER F 115 23.24 -21.28 -27.45
CA SER F 115 23.53 -20.00 -28.07
C SER F 115 24.83 -19.44 -27.49
N CYS F 116 25.51 -18.61 -28.29
CA CYS F 116 26.68 -17.84 -27.85
C CYS F 116 26.37 -16.37 -28.05
N THR F 117 26.45 -15.59 -26.98
CA THR F 117 26.12 -14.16 -27.03
C THR F 117 27.27 -13.33 -26.47
N CYS F 118 27.77 -12.38 -27.27
CA CYS F 118 28.88 -11.54 -26.81
C CYS F 118 28.46 -10.71 -25.59
N LYS F 119 29.36 -10.62 -24.61
CA LYS F 119 29.06 -9.91 -23.38
C LYS F 119 29.03 -8.40 -23.64
N PRO F 120 28.46 -7.62 -22.71
CA PRO F 120 28.32 -6.18 -22.96
C PRO F 120 29.67 -5.52 -23.21
N GLY F 121 29.69 -4.60 -24.17
CA GLY F 121 30.91 -3.95 -24.60
C GLY F 121 31.58 -4.63 -25.76
N TYR F 122 31.15 -5.84 -26.12
CA TYR F 122 31.72 -6.59 -27.22
C TYR F 122 30.67 -6.75 -28.32
N VAL F 123 31.15 -6.85 -29.55
CA VAL F 123 30.30 -6.99 -30.73
C VAL F 123 30.71 -8.26 -31.45
N GLY F 124 29.74 -8.93 -32.06
CA GLY F 124 30.02 -10.14 -32.80
C GLY F 124 28.85 -11.10 -32.75
N ASN F 125 29.07 -12.27 -33.32
CA ASN F 125 28.03 -13.28 -33.39
C ASN F 125 28.19 -14.37 -32.32
N GLY F 126 29.04 -14.15 -31.32
CA GLY F 126 29.22 -15.10 -30.24
C GLY F 126 30.31 -16.14 -30.47
N THR F 127 30.54 -16.54 -31.72
CA THR F 127 31.71 -17.34 -32.04
C THR F 127 32.96 -16.48 -32.00
N ILE F 128 32.85 -15.23 -32.39
CA ILE F 128 33.92 -14.25 -32.21
C ILE F 128 33.32 -12.98 -31.62
N CYS F 129 34.03 -12.38 -30.67
CA CYS F 129 33.65 -11.12 -30.05
C CYS F 129 34.85 -10.20 -30.04
N ARG F 130 34.61 -8.92 -30.35
CA ARG F 130 35.64 -7.89 -30.34
C ARG F 130 35.15 -6.72 -29.51
N ALA F 131 36.06 -6.13 -28.72
CA ALA F 131 35.70 -4.99 -27.89
C ALA F 131 35.24 -3.82 -28.76
N GLU F 132 34.15 -3.18 -28.34
CA GLU F 132 33.56 -2.06 -29.08
C GLU F 132 34.47 -0.86 -29.07
#